data_5CRV
#
_entry.id   5CRV
#
_cell.length_a   81.647
_cell.length_b   37.218
_cell.length_c   140.019
_cell.angle_alpha   90.00
_cell.angle_beta   103.41
_cell.angle_gamma   90.00
#
_symmetry.space_group_name_H-M   'P 1 21 1'
#
loop_
_entity.id
_entity.type
_entity.pdbx_description
1 polymer 'Tyrosine-protein phosphatase non-receptor type 23'
2 polymer 'Signal transducing adapter molecule 2'
3 non-polymer GLYCEROL
4 water water
#
loop_
_entity_poly.entity_id
_entity_poly.type
_entity_poly.pdbx_seq_one_letter_code
_entity_poly.pdbx_strand_id
1 'polypeptide(L)'
;MEAVPRMPMIWLDLKEAGDFHFQPAVKKFVLKAAGENPEAYNEELKKLELLRQNAVRVPRDFEGCSVLRKYLGQLHYLQS
RVPMGSGQEAAVPVTWTEIFSGKSVAHEDIKYEQACILYNLGALHSMLGAMDKRVSEEGMKVSCTHFQCAAGAFAYLREH
FPQAYSVDMSRQILTLNVNLMLGQAQECLLEKSMLDNRKSFLVARISAQVVDYYKEACRALENPDTASLLGRIQKDWKKL
VQMKIYYFAAVAHLHMGKQAEEQQKFGERVAYFQSALDKLNEAIKLAKGQPDTVQDALRFTMDVIGGKYNSAKKDNDFIY
HEAVPALDTLQPVKGAPLVKPLPVNPTDPAVTGPDIFAKLV
;
A,B
2 'polypeptide(L)' LNVKVLEALELYNKLVNEAPV C,D
#
# COMPACT_ATOMS: atom_id res chain seq x y z
N MET A 1 -31.82 4.45 -7.20
CA MET A 1 -32.40 5.75 -6.88
C MET A 1 -31.33 6.84 -6.94
N GLU A 2 -31.73 8.04 -7.34
CA GLU A 2 -30.79 9.14 -7.55
C GLU A 2 -29.97 9.49 -6.31
N ALA A 3 -30.52 9.21 -5.12
CA ALA A 3 -29.89 9.61 -3.87
C ALA A 3 -29.03 8.51 -3.26
N VAL A 4 -28.83 7.42 -3.99
CA VAL A 4 -28.01 6.32 -3.49
C VAL A 4 -26.59 6.80 -3.23
N PRO A 5 -26.08 6.52 -2.02
CA PRO A 5 -24.67 6.79 -1.70
C PRO A 5 -23.77 6.19 -2.78
N ARG A 6 -22.68 6.90 -3.09
CA ARG A 6 -21.83 6.51 -4.21
C ARG A 6 -20.83 5.41 -3.84
N MET A 7 -20.63 4.49 -4.77
CA MET A 7 -19.61 3.46 -4.59
C MET A 7 -18.23 4.09 -4.73
N PRO A 8 -17.24 3.54 -4.01
CA PRO A 8 -15.86 4.00 -4.21
C PRO A 8 -15.33 3.56 -5.57
N MET A 9 -14.24 4.17 -6.01
CA MET A 9 -13.63 3.82 -7.29
C MET A 9 -12.20 3.36 -7.07
N ILE A 10 -11.71 2.51 -7.98
CA ILE A 10 -10.33 2.06 -7.95
C ILE A 10 -9.46 3.01 -8.78
N TRP A 11 -8.27 3.32 -8.28
CA TRP A 11 -7.28 4.05 -9.07
C TRP A 11 -5.94 3.34 -8.98
N LEU A 12 -5.02 3.71 -9.86
CA LEU A 12 -3.73 3.02 -9.95
C LEU A 12 -2.58 3.91 -9.49
N ASP A 13 -1.59 3.31 -8.84
CA ASP A 13 -0.41 4.04 -8.42
C ASP A 13 0.47 4.40 -9.62
N LEU A 14 1.20 5.50 -9.51
CA LEU A 14 2.15 5.87 -10.55
C LEU A 14 3.45 5.10 -10.36
N LYS A 15 4.09 4.73 -11.47
CA LYS A 15 5.36 4.01 -11.40
C LYS A 15 6.48 4.94 -10.97
N GLU A 16 7.47 4.38 -10.29
CA GLU A 16 8.61 5.16 -9.81
C GLU A 16 9.76 5.07 -10.80
N ALA A 17 10.36 6.23 -11.09
CA ALA A 17 11.40 6.30 -12.13
C ALA A 17 12.81 6.16 -11.58
N GLY A 18 13.65 5.48 -12.34
CA GLY A 18 15.08 5.47 -12.09
C GLY A 18 15.72 6.51 -13.00
N ASP A 19 16.94 6.24 -13.45
CA ASP A 19 17.67 7.20 -14.26
C ASP A 19 17.38 7.10 -15.76
N PHE A 20 17.56 8.22 -16.46
CA PHE A 20 17.58 8.26 -17.91
C PHE A 20 18.55 9.36 -18.31
N HIS A 21 19.84 9.02 -18.38
CA HIS A 21 20.88 9.99 -18.63
C HIS A 21 21.12 10.19 -20.13
N PHE A 22 20.24 10.99 -20.73
CA PHE A 22 20.26 11.21 -22.17
C PHE A 22 21.31 12.22 -22.63
N GLN A 23 21.66 13.15 -21.76
CA GLN A 23 22.55 14.26 -22.11
C GLN A 23 23.91 13.87 -22.73
N PRO A 24 24.68 12.99 -22.06
CA PRO A 24 25.99 12.66 -22.65
C PRO A 24 25.88 12.01 -24.03
N ALA A 25 24.86 11.17 -24.23
CA ALA A 25 24.66 10.50 -25.51
C ALA A 25 24.25 11.49 -26.61
N VAL A 26 23.33 12.39 -26.28
CA VAL A 26 22.87 13.41 -27.21
C VAL A 26 24.01 14.32 -27.66
N LYS A 27 24.78 14.82 -26.68
CA LYS A 27 25.93 15.69 -26.98
C LYS A 27 26.95 14.99 -27.85
N LYS A 28 27.28 13.75 -27.50
CA LYS A 28 28.22 12.95 -28.30
C LYS A 28 27.72 12.75 -29.72
N PHE A 29 26.40 12.59 -29.89
CA PHE A 29 25.82 12.39 -31.21
C PHE A 29 25.87 13.64 -32.06
N VAL A 30 25.53 14.79 -31.49
CA VAL A 30 25.46 16.04 -32.25
C VAL A 30 26.84 16.64 -32.52
N LEU A 31 27.82 16.28 -31.70
CA LEU A 31 29.20 16.71 -31.89
C LEU A 31 29.86 15.93 -33.04
N LYS A 32 29.09 15.02 -33.65
CA LYS A 32 29.60 14.16 -34.71
C LYS A 32 29.43 14.79 -36.09
N ALA A 33 28.87 15.99 -36.12
CA ALA A 33 28.67 16.70 -37.40
C ALA A 33 29.91 17.47 -37.80
N PRO A 38 28.18 23.21 -32.23
CA PRO A 38 29.39 23.44 -31.45
C PRO A 38 29.19 23.12 -29.97
N GLU A 39 28.35 23.89 -29.28
CA GLU A 39 28.06 23.57 -27.87
C GLU A 39 26.77 22.78 -27.71
N ALA A 40 26.54 21.88 -28.67
CA ALA A 40 25.71 20.68 -28.49
C ALA A 40 24.45 20.79 -27.62
N TYR A 41 23.42 21.48 -28.11
CA TYR A 41 22.10 21.47 -27.46
C TYR A 41 22.13 21.69 -25.95
N ASN A 42 23.14 22.38 -25.45
CA ASN A 42 23.41 22.44 -24.01
C ASN A 42 22.29 23.03 -23.18
N GLU A 43 21.75 24.16 -23.63
CA GLU A 43 20.62 24.80 -22.98
C GLU A 43 19.35 23.97 -23.18
N GLU A 44 19.20 23.42 -24.38
CA GLU A 44 18.04 22.61 -24.72
C GLU A 44 17.94 21.34 -23.87
N LEU A 45 19.08 20.71 -23.61
CA LEU A 45 19.12 19.50 -22.80
C LEU A 45 18.80 19.81 -21.34
N LYS A 46 19.25 20.98 -20.88
CA LYS A 46 18.95 21.46 -19.54
C LYS A 46 17.45 21.60 -19.32
N LYS A 47 16.77 22.14 -20.32
CA LYS A 47 15.32 22.30 -20.29
C LYS A 47 14.62 20.96 -20.19
N LEU A 48 15.05 20.01 -21.01
CA LEU A 48 14.46 18.68 -21.02
C LEU A 48 14.68 17.96 -19.69
N GLU A 49 15.86 18.16 -19.11
CA GLU A 49 16.20 17.58 -17.81
C GLU A 49 15.24 18.08 -16.74
N LEU A 50 14.98 19.39 -16.74
CA LEU A 50 14.03 19.99 -15.81
C LEU A 50 12.62 19.44 -16.04
N LEU A 51 12.28 19.23 -17.30
CA LEU A 51 10.97 18.71 -17.66
C LEU A 51 10.78 17.26 -17.18
N ARG A 52 11.83 16.46 -17.29
CA ARG A 52 11.80 15.09 -16.79
C ARG A 52 11.64 15.07 -15.28
N GLN A 53 12.44 15.90 -14.60
CA GLN A 53 12.39 16.01 -13.14
C GLN A 53 10.98 16.36 -12.66
N ASN A 54 10.34 17.30 -13.35
CA ASN A 54 8.97 17.68 -13.01
C ASN A 54 8.00 16.52 -13.27
N ALA A 55 8.23 15.80 -14.36
CA ALA A 55 7.36 14.69 -14.74
C ALA A 55 7.45 13.49 -13.79
N VAL A 56 8.67 13.10 -13.45
CA VAL A 56 8.88 11.93 -12.59
C VAL A 56 8.50 12.19 -11.13
N ARG A 57 8.35 13.47 -10.78
CA ARG A 57 7.90 13.86 -9.46
C ARG A 57 6.63 14.67 -9.59
N VAL A 58 5.76 14.24 -10.51
CA VAL A 58 4.59 15.03 -10.90
C VAL A 58 3.61 15.29 -9.75
N PRO A 59 3.18 16.55 -9.62
CA PRO A 59 2.13 16.89 -8.67
C PRO A 59 0.86 16.11 -9.00
N ARG A 60 0.25 15.50 -8.01
CA ARG A 60 -0.94 14.68 -8.24
C ARG A 60 -2.19 15.52 -8.45
N ASP A 61 -2.15 16.37 -9.47
CA ASP A 61 -3.34 17.15 -9.86
C ASP A 61 -3.53 17.26 -11.37
N PHE A 62 -4.56 18.00 -11.79
CA PHE A 62 -4.90 18.13 -13.20
C PHE A 62 -3.81 18.80 -14.03
N GLU A 63 -3.13 19.78 -13.44
CA GLU A 63 -2.01 20.44 -14.12
C GLU A 63 -0.87 19.45 -14.33
N GLY A 64 -0.78 18.47 -13.44
CA GLY A 64 0.23 17.44 -13.53
C GLY A 64 0.10 16.61 -14.80
N CYS A 65 -1.14 16.44 -15.26
CA CYS A 65 -1.38 15.71 -16.50
C CYS A 65 -0.74 16.44 -17.68
N SER A 66 -0.77 17.76 -17.64
CA SER A 66 -0.15 18.59 -18.66
C SER A 66 1.36 18.40 -18.65
N VAL A 67 1.93 18.32 -17.45
CA VAL A 67 3.37 18.10 -17.29
C VAL A 67 3.79 16.78 -17.95
N LEU A 68 3.04 15.72 -17.67
CA LEU A 68 3.33 14.40 -18.22
C LEU A 68 3.21 14.40 -19.75
N ARG A 69 2.17 15.05 -20.26
CA ARG A 69 1.94 15.10 -21.70
C ARG A 69 3.02 15.90 -22.43
N LYS A 70 3.44 17.01 -21.84
CA LYS A 70 4.46 17.85 -22.45
C LYS A 70 5.80 17.12 -22.54
N TYR A 71 6.17 16.44 -21.46
CA TYR A 71 7.40 15.66 -21.43
C TYR A 71 7.34 14.53 -22.44
N LEU A 72 6.19 13.85 -22.48
CA LEU A 72 5.98 12.75 -23.42
C LEU A 72 6.17 13.21 -24.86
N GLY A 73 5.68 14.42 -25.15
CA GLY A 73 5.81 14.99 -26.47
C GLY A 73 7.24 15.32 -26.82
N GLN A 74 7.96 15.95 -25.89
CA GLN A 74 9.35 16.32 -26.11
C GLN A 74 10.23 15.09 -26.26
N LEU A 75 9.83 14.00 -25.62
CA LEU A 75 10.52 12.72 -25.78
C LEU A 75 10.40 12.23 -27.22
N HIS A 76 9.23 12.45 -27.82
CA HIS A 76 9.01 12.06 -29.21
C HIS A 76 9.85 12.92 -30.17
N TYR A 77 9.97 14.21 -29.86
CA TYR A 77 10.78 15.12 -30.65
C TYR A 77 12.26 14.73 -30.60
N LEU A 78 12.73 14.35 -29.42
CA LEU A 78 14.11 13.92 -29.23
C LEU A 78 14.37 12.62 -29.99
N GLN A 79 13.43 11.69 -29.87
CA GLN A 79 13.47 10.42 -30.57
C GLN A 79 13.67 10.59 -32.08
N SER A 80 13.07 11.64 -32.62
CA SER A 80 13.10 11.88 -34.06
C SER A 80 14.39 12.54 -34.55
N ARG A 81 15.13 13.15 -33.62
CA ARG A 81 16.37 13.84 -33.99
C ARG A 81 17.61 13.05 -33.57
N VAL A 82 17.48 12.31 -32.48
CA VAL A 82 18.58 11.50 -31.96
C VAL A 82 18.15 10.05 -31.79
N PRO A 83 18.89 9.13 -32.43
CA PRO A 83 18.54 7.70 -32.39
C PRO A 83 18.83 7.06 -31.02
N MET A 84 17.81 7.03 -30.16
CA MET A 84 17.96 6.46 -28.83
C MET A 84 17.04 5.26 -28.62
N GLY A 85 16.56 4.69 -29.72
CA GLY A 85 15.73 3.50 -29.65
C GLY A 85 16.57 2.25 -29.49
N SER A 86 15.91 1.09 -29.46
CA SER A 86 16.59 -0.18 -29.26
C SER A 86 17.59 -0.49 -30.38
N GLY A 87 18.85 -0.68 -30.00
CA GLY A 87 19.89 -1.04 -30.95
C GLY A 87 20.58 0.15 -31.58
N GLN A 88 19.98 1.33 -31.40
CA GLN A 88 20.49 2.56 -32.00
C GLN A 88 21.72 3.08 -31.26
N GLU A 89 22.53 3.90 -31.95
CA GLU A 89 23.86 4.27 -31.45
C GLU A 89 23.86 5.21 -30.24
N ALA A 90 22.83 6.04 -30.10
CA ALA A 90 22.76 6.98 -28.98
C ALA A 90 21.84 6.51 -27.86
N ALA A 91 21.49 5.23 -27.88
CA ALA A 91 20.63 4.66 -26.85
C ALA A 91 21.35 4.52 -25.51
N VAL A 92 20.66 4.91 -24.43
CA VAL A 92 21.18 4.76 -23.08
C VAL A 92 20.18 4.00 -22.22
N PRO A 93 20.64 3.42 -21.10
CA PRO A 93 19.71 2.70 -20.24
C PRO A 93 18.57 3.57 -19.69
N VAL A 94 17.36 3.02 -19.70
CA VAL A 94 16.21 3.65 -19.06
C VAL A 94 15.73 2.71 -17.95
N THR A 95 15.64 3.22 -16.72
CA THR A 95 15.27 2.37 -15.60
C THR A 95 14.00 2.85 -14.91
N TRP A 96 13.04 1.94 -14.75
CA TRP A 96 11.84 2.20 -13.97
C TRP A 96 11.56 1.00 -13.07
N THR A 97 10.78 1.23 -12.02
CA THR A 97 10.44 0.15 -11.10
C THR A 97 9.17 -0.55 -11.53
N GLU A 98 9.24 -1.86 -11.70
CA GLU A 98 8.04 -2.66 -11.96
C GLU A 98 7.17 -2.62 -10.70
N ILE A 99 5.93 -2.14 -10.85
CA ILE A 99 5.12 -1.76 -9.69
C ILE A 99 4.59 -2.93 -8.85
N PHE A 100 4.45 -4.11 -9.45
CA PHE A 100 3.93 -5.27 -8.74
C PHE A 100 5.00 -5.95 -7.89
N SER A 101 6.20 -6.08 -8.45
CA SER A 101 7.30 -6.77 -7.78
C SER A 101 8.27 -5.82 -7.07
N GLY A 102 8.27 -4.56 -7.49
CA GLY A 102 9.18 -3.59 -6.95
C GLY A 102 10.57 -3.72 -7.55
N LYS A 103 10.66 -4.52 -8.61
CA LYS A 103 11.92 -4.76 -9.30
C LYS A 103 12.29 -3.61 -10.21
N SER A 104 13.58 -3.25 -10.22
CA SER A 104 14.09 -2.30 -11.20
C SER A 104 14.23 -2.99 -12.55
N VAL A 105 13.62 -2.42 -13.57
CA VAL A 105 13.73 -2.97 -14.92
C VAL A 105 14.37 -1.94 -15.84
N ALA A 106 15.44 -2.34 -16.52
CA ALA A 106 16.18 -1.43 -17.39
C ALA A 106 16.08 -1.83 -18.87
N HIS A 107 15.97 -0.83 -19.73
CA HIS A 107 16.00 -1.03 -21.17
C HIS A 107 16.74 0.13 -21.82
N GLU A 108 17.64 -0.16 -22.75
CA GLU A 108 18.33 0.88 -23.48
C GLU A 108 17.48 1.29 -24.67
N ASP A 109 16.43 2.06 -24.39
CA ASP A 109 15.38 2.36 -25.35
C ASP A 109 14.54 3.52 -24.84
N ILE A 110 14.53 4.63 -25.57
CA ILE A 110 13.79 5.83 -25.17
C ILE A 110 12.29 5.59 -25.14
N LYS A 111 11.83 4.60 -25.91
CA LYS A 111 10.41 4.26 -25.93
C LYS A 111 9.93 3.68 -24.61
N TYR A 112 10.84 3.04 -23.88
CA TYR A 112 10.55 2.52 -22.55
C TYR A 112 10.21 3.67 -21.61
N GLU A 113 10.97 4.75 -21.70
CA GLU A 113 10.72 5.96 -20.92
C GLU A 113 9.37 6.57 -21.32
N GLN A 114 9.11 6.62 -22.62
CA GLN A 114 7.84 7.12 -23.14
C GLN A 114 6.68 6.30 -22.59
N ALA A 115 6.85 4.98 -22.61
CA ALA A 115 5.83 4.05 -22.15
C ALA A 115 5.46 4.28 -20.69
N CYS A 116 6.47 4.40 -19.84
CA CYS A 116 6.24 4.61 -18.40
C CYS A 116 5.58 5.95 -18.12
N ILE A 117 5.94 6.98 -18.89
CA ILE A 117 5.32 8.29 -18.76
C ILE A 117 3.84 8.20 -19.15
N LEU A 118 3.56 7.50 -20.24
CA LEU A 118 2.19 7.30 -20.70
C LEU A 118 1.37 6.50 -19.69
N TYR A 119 2.02 5.53 -19.06
CA TYR A 119 1.39 4.73 -18.02
C TYR A 119 0.97 5.62 -16.86
N ASN A 120 1.89 6.48 -16.41
CA ASN A 120 1.62 7.38 -15.29
C ASN A 120 0.56 8.43 -15.63
N LEU A 121 0.43 8.75 -16.92
CA LEU A 121 -0.63 9.64 -17.37
C LEU A 121 -1.97 8.97 -17.12
N GLY A 122 -2.06 7.69 -17.48
CA GLY A 122 -3.26 6.92 -17.24
C GLY A 122 -3.54 6.77 -15.76
N ALA A 123 -2.50 6.48 -14.99
CA ALA A 123 -2.63 6.30 -13.56
C ALA A 123 -3.10 7.58 -12.88
N LEU A 124 -2.54 8.72 -13.28
CA LEU A 124 -2.92 10.00 -12.69
C LEU A 124 -4.38 10.35 -13.00
N HIS A 125 -4.81 10.06 -14.21
CA HIS A 125 -6.21 10.27 -14.60
C HIS A 125 -7.15 9.40 -13.77
N SER A 126 -6.71 8.18 -13.47
CA SER A 126 -7.50 7.26 -12.66
C SER A 126 -7.68 7.83 -11.26
N MET A 127 -6.64 8.49 -10.77
CA MET A 127 -6.66 9.14 -9.47
C MET A 127 -7.63 10.31 -9.46
N LEU A 128 -7.51 11.19 -10.45
CA LEU A 128 -8.34 12.39 -10.54
C LEU A 128 -9.82 12.06 -10.69
N GLY A 129 -10.10 10.97 -11.40
CA GLY A 129 -11.47 10.53 -11.59
C GLY A 129 -12.10 10.00 -10.33
N ALA A 130 -11.28 9.51 -9.41
CA ALA A 130 -11.78 8.83 -8.21
C ALA A 130 -11.92 9.76 -7.00
N MET A 131 -11.62 11.04 -7.16
CA MET A 131 -11.59 11.97 -6.02
C MET A 131 -12.91 12.68 -5.71
N ASP A 132 -13.69 13.03 -6.73
CA ASP A 132 -14.97 13.71 -6.51
C ASP A 132 -15.95 12.76 -5.84
N LYS A 133 -16.87 13.31 -5.05
CA LYS A 133 -17.86 12.51 -4.36
C LYS A 133 -18.97 12.12 -5.33
N ARG A 134 -18.98 12.76 -6.48
CA ARG A 134 -19.94 12.47 -7.55
C ARG A 134 -21.39 12.59 -7.11
N VAL A 135 -21.69 13.63 -6.34
CA VAL A 135 -23.09 13.97 -6.04
C VAL A 135 -23.58 15.02 -7.03
N SER A 136 -22.64 15.83 -7.53
CA SER A 136 -22.94 16.86 -8.52
C SER A 136 -22.89 16.28 -9.92
N GLU A 137 -23.63 16.88 -10.85
CA GLU A 137 -23.65 16.42 -12.23
C GLU A 137 -22.28 16.60 -12.88
N GLU A 138 -21.64 17.74 -12.59
CA GLU A 138 -20.33 18.02 -13.16
C GLU A 138 -19.26 17.11 -12.57
N GLY A 139 -19.44 16.75 -11.31
CA GLY A 139 -18.54 15.82 -10.65
C GLY A 139 -18.57 14.47 -11.37
N MET A 140 -19.76 14.04 -11.76
CA MET A 140 -19.94 12.79 -12.50
C MET A 140 -19.32 12.89 -13.89
N LYS A 141 -19.60 14.00 -14.57
CA LYS A 141 -19.10 14.23 -15.93
C LYS A 141 -17.58 14.27 -15.99
N VAL A 142 -16.96 14.99 -15.05
CA VAL A 142 -15.50 15.12 -15.02
C VAL A 142 -14.83 13.82 -14.60
N SER A 143 -15.42 13.12 -13.63
CA SER A 143 -14.89 11.82 -13.20
C SER A 143 -14.96 10.83 -14.35
N CYS A 144 -16.09 10.83 -15.07
CA CYS A 144 -16.28 9.98 -16.24
C CYS A 144 -15.21 10.27 -17.30
N THR A 145 -14.98 11.55 -17.56
CA THR A 145 -13.99 11.97 -18.54
C THR A 145 -12.59 11.51 -18.18
N HIS A 146 -12.23 11.64 -16.91
CA HIS A 146 -10.91 11.23 -16.43
C HIS A 146 -10.69 9.73 -16.62
N PHE A 147 -11.71 8.94 -16.33
CA PHE A 147 -11.64 7.49 -16.47
C PHE A 147 -11.50 7.08 -17.95
N GLN A 148 -12.18 7.80 -18.83
CA GLN A 148 -12.03 7.56 -20.27
C GLN A 148 -10.65 7.98 -20.76
N CYS A 149 -10.09 9.02 -20.14
CA CYS A 149 -8.74 9.46 -20.48
C CYS A 149 -7.71 8.45 -20.00
N ALA A 150 -7.97 7.88 -18.83
CA ALA A 150 -7.10 6.85 -18.27
C ALA A 150 -7.12 5.62 -19.18
N ALA A 151 -8.32 5.22 -19.59
CA ALA A 151 -8.49 4.13 -20.53
C ALA A 151 -7.76 4.43 -21.83
N GLY A 152 -7.85 5.68 -22.28
CA GLY A 152 -7.19 6.10 -23.50
C GLY A 152 -5.68 5.99 -23.45
N ALA A 153 -5.11 6.30 -22.29
CA ALA A 153 -3.67 6.23 -22.11
C ALA A 153 -3.19 4.78 -22.14
N PHE A 154 -3.84 3.92 -21.36
CA PHE A 154 -3.49 2.52 -21.29
C PHE A 154 -3.70 1.79 -22.62
N ALA A 155 -4.78 2.14 -23.31
CA ALA A 155 -5.08 1.55 -24.61
C ALA A 155 -4.05 1.95 -25.66
N TYR A 156 -3.69 3.24 -25.69
CA TYR A 156 -2.66 3.73 -26.61
C TYR A 156 -1.34 3.06 -26.29
N LEU A 157 -1.06 2.90 -25.00
CA LEU A 157 0.16 2.26 -24.52
C LEU A 157 0.25 0.82 -25.01
N ARG A 158 -0.85 0.09 -24.87
CA ARG A 158 -0.90 -1.32 -25.23
C ARG A 158 -0.71 -1.54 -26.73
N GLU A 159 -1.27 -0.64 -27.53
CA GLU A 159 -1.28 -0.80 -28.98
C GLU A 159 -0.01 -0.31 -29.67
N HIS A 160 0.60 0.73 -29.09
CA HIS A 160 1.72 1.39 -29.75
C HIS A 160 3.07 1.11 -29.08
N PHE A 161 3.03 0.40 -27.96
CA PHE A 161 4.24 -0.06 -27.29
C PHE A 161 4.12 -1.56 -27.02
N PRO A 162 4.19 -2.37 -28.09
CA PRO A 162 3.92 -3.80 -28.00
C PRO A 162 5.04 -4.62 -27.37
N GLN A 163 6.21 -4.02 -27.18
CA GLN A 163 7.36 -4.75 -26.66
C GLN A 163 7.11 -5.29 -25.25
N ALA A 164 6.17 -4.66 -24.55
CA ALA A 164 5.83 -5.05 -23.17
C ALA A 164 7.08 -5.09 -22.30
N TYR A 165 7.59 -3.91 -21.97
CA TYR A 165 8.88 -3.78 -21.29
C TYR A 165 8.92 -4.39 -19.90
N SER A 166 7.77 -4.42 -19.23
CA SER A 166 7.66 -5.05 -17.91
C SER A 166 6.26 -5.61 -17.71
N VAL A 167 6.12 -6.54 -16.77
CA VAL A 167 4.86 -7.26 -16.57
C VAL A 167 3.67 -6.36 -16.23
N ASP A 168 3.93 -5.21 -15.60
CA ASP A 168 2.86 -4.28 -15.25
C ASP A 168 2.33 -3.52 -16.46
N MET A 169 2.97 -3.71 -17.61
CA MET A 169 2.56 -3.05 -18.84
C MET A 169 2.33 -4.06 -19.96
N SER A 170 2.03 -5.30 -19.58
CA SER A 170 1.70 -6.35 -20.55
C SER A 170 0.32 -6.11 -21.15
N ARG A 171 0.04 -6.78 -22.27
CA ARG A 171 -1.24 -6.61 -22.97
C ARG A 171 -2.44 -7.00 -22.11
N GLN A 172 -2.31 -8.11 -21.38
CA GLN A 172 -3.35 -8.58 -20.48
C GLN A 172 -3.66 -7.54 -19.40
N ILE A 173 -2.60 -7.10 -18.73
CA ILE A 173 -2.72 -6.15 -17.62
C ILE A 173 -3.29 -4.80 -18.07
N LEU A 174 -2.80 -4.31 -19.20
CA LEU A 174 -3.26 -3.04 -19.74
C LEU A 174 -4.73 -3.11 -20.19
N THR A 175 -5.14 -4.27 -20.70
CA THR A 175 -6.53 -4.49 -21.09
C THR A 175 -7.43 -4.51 -19.87
N LEU A 176 -6.93 -5.11 -18.78
CA LEU A 176 -7.64 -5.09 -17.51
C LEU A 176 -7.83 -3.65 -17.04
N ASN A 177 -6.75 -2.87 -17.09
CA ASN A 177 -6.81 -1.47 -16.72
C ASN A 177 -7.83 -0.70 -17.57
N VAL A 178 -7.81 -0.95 -18.88
CA VAL A 178 -8.75 -0.30 -19.81
C VAL A 178 -10.20 -0.60 -19.45
N ASN A 179 -10.51 -1.89 -19.30
CA ASN A 179 -11.88 -2.31 -18.99
C ASN A 179 -12.36 -1.86 -17.61
N LEU A 180 -11.45 -1.79 -16.64
CA LEU A 180 -11.78 -1.28 -15.32
C LEU A 180 -12.14 0.20 -15.41
N MET A 181 -11.32 0.95 -16.15
CA MET A 181 -11.54 2.39 -16.32
C MET A 181 -12.84 2.69 -17.08
N LEU A 182 -13.10 1.92 -18.14
CA LEU A 182 -14.32 2.09 -18.92
C LEU A 182 -15.55 1.74 -18.08
N GLY A 183 -15.40 0.72 -17.24
CA GLY A 183 -16.47 0.33 -16.34
C GLY A 183 -16.79 1.42 -15.35
N GLN A 184 -15.75 2.04 -14.80
CA GLN A 184 -15.92 3.11 -13.83
C GLN A 184 -16.43 4.38 -14.53
N ALA A 185 -16.05 4.55 -15.79
CA ALA A 185 -16.56 5.66 -16.59
C ALA A 185 -18.06 5.50 -16.83
N GLN A 186 -18.46 4.32 -17.28
CA GLN A 186 -19.86 4.01 -17.55
C GLN A 186 -20.70 4.09 -16.27
N GLU A 187 -20.07 3.76 -15.14
CA GLU A 187 -20.75 3.84 -13.85
C GLU A 187 -21.10 5.29 -13.50
N CYS A 188 -20.19 6.20 -13.83
CA CYS A 188 -20.44 7.63 -13.63
C CYS A 188 -21.62 8.09 -14.45
N LEU A 189 -21.79 7.50 -15.64
CA LEU A 189 -22.88 7.85 -16.53
C LEU A 189 -24.20 7.29 -16.02
N LEU A 190 -24.13 6.15 -15.34
CA LEU A 190 -25.32 5.57 -14.72
C LEU A 190 -25.83 6.49 -13.63
N GLU A 191 -24.90 7.00 -12.82
CA GLU A 191 -25.23 7.95 -11.77
C GLU A 191 -25.86 9.20 -12.36
N LYS A 192 -25.32 9.66 -13.49
CA LYS A 192 -25.85 10.83 -14.18
C LYS A 192 -27.23 10.56 -14.75
N SER A 193 -27.40 9.38 -15.35
CA SER A 193 -28.68 8.99 -15.96
C SER A 193 -29.79 9.02 -14.94
N MET A 194 -29.47 8.65 -13.70
CA MET A 194 -30.45 8.67 -12.62
C MET A 194 -30.68 10.09 -12.09
N LEU A 195 -29.62 10.90 -12.08
CA LEU A 195 -29.75 12.30 -11.67
C LEU A 195 -30.54 13.09 -12.70
N ASP A 196 -30.34 12.75 -13.97
CA ASP A 196 -31.06 13.40 -15.07
C ASP A 196 -32.49 12.87 -15.19
N ASN A 197 -32.79 11.80 -14.46
CA ASN A 197 -34.11 11.14 -14.51
C ASN A 197 -34.48 10.69 -15.92
N ARG A 198 -33.58 9.94 -16.56
CA ARG A 198 -33.83 9.43 -17.90
C ARG A 198 -34.88 8.33 -17.86
N LYS A 199 -35.37 7.93 -19.04
CA LYS A 199 -36.30 6.83 -19.15
C LYS A 199 -35.73 5.58 -18.48
N SER A 200 -36.56 4.91 -17.68
CA SER A 200 -36.13 3.74 -16.91
C SER A 200 -35.41 2.71 -17.77
N PHE A 201 -35.89 2.51 -19.00
CA PHE A 201 -35.31 1.55 -19.93
C PHE A 201 -33.87 1.92 -20.30
N LEU A 202 -33.61 3.21 -20.46
CA LEU A 202 -32.27 3.68 -20.79
C LEU A 202 -31.31 3.48 -19.62
N VAL A 203 -31.78 3.76 -18.42
CA VAL A 203 -31.00 3.56 -17.20
C VAL A 203 -30.60 2.10 -17.07
N ALA A 204 -31.53 1.22 -17.45
CA ALA A 204 -31.28 -0.21 -17.44
C ALA A 204 -30.19 -0.60 -18.42
N ARG A 205 -30.24 -0.07 -19.64
CA ARG A 205 -29.24 -0.35 -20.65
C ARG A 205 -27.86 0.15 -20.24
N ILE A 206 -27.83 1.32 -19.60
CA ILE A 206 -26.58 1.91 -19.14
C ILE A 206 -25.98 1.09 -17.99
N SER A 207 -26.83 0.66 -17.07
CA SER A 207 -26.37 -0.16 -15.94
C SER A 207 -25.91 -1.53 -16.41
N ALA A 208 -26.61 -2.07 -17.40
CA ALA A 208 -26.25 -3.37 -17.97
C ALA A 208 -24.86 -3.31 -18.62
N GLN A 209 -24.51 -2.17 -19.17
CA GLN A 209 -23.19 -1.98 -19.78
C GLN A 209 -22.10 -1.91 -18.71
N VAL A 210 -22.42 -1.31 -17.58
CA VAL A 210 -21.52 -1.26 -16.43
C VAL A 210 -21.13 -2.69 -16.02
N VAL A 211 -22.13 -3.56 -15.96
CA VAL A 211 -21.93 -4.96 -15.63
C VAL A 211 -21.01 -5.64 -16.65
N ASP A 212 -21.23 -5.36 -17.92
CA ASP A 212 -20.44 -5.97 -18.99
C ASP A 212 -18.96 -5.62 -18.91
N TYR A 213 -18.66 -4.34 -18.68
CA TYR A 213 -17.29 -3.88 -18.53
C TYR A 213 -16.63 -4.50 -17.30
N TYR A 214 -17.37 -4.55 -16.20
CA TYR A 214 -16.85 -5.10 -14.95
C TYR A 214 -16.65 -6.61 -15.04
N LYS A 215 -17.47 -7.29 -15.82
CA LYS A 215 -17.31 -8.72 -16.06
C LYS A 215 -15.98 -9.01 -16.74
N GLU A 216 -15.66 -8.20 -17.75
CA GLU A 216 -14.39 -8.35 -18.46
C GLU A 216 -13.19 -8.03 -17.57
N ALA A 217 -13.38 -7.10 -16.65
CA ALA A 217 -12.35 -6.76 -15.69
C ALA A 217 -12.15 -7.91 -14.69
N CYS A 218 -13.26 -8.41 -14.16
CA CYS A 218 -13.23 -9.52 -13.22
C CYS A 218 -12.63 -10.75 -13.87
N ARG A 219 -12.97 -10.95 -15.15
CA ARG A 219 -12.45 -12.04 -15.96
C ARG A 219 -10.93 -12.08 -15.93
N ALA A 220 -10.31 -10.93 -16.18
CA ALA A 220 -8.86 -10.81 -16.18
C ALA A 220 -8.25 -11.03 -14.78
N LEU A 221 -8.97 -10.59 -13.76
CA LEU A 221 -8.53 -10.75 -12.38
C LEU A 221 -8.64 -12.21 -11.94
N GLU A 222 -9.47 -12.98 -12.63
CA GLU A 222 -9.64 -14.39 -12.30
C GLU A 222 -8.68 -15.30 -13.06
N ASN A 223 -7.92 -14.70 -13.98
CA ASN A 223 -6.80 -15.39 -14.59
C ASN A 223 -5.75 -15.63 -13.50
N PRO A 224 -5.41 -16.91 -13.27
CA PRO A 224 -4.56 -17.33 -12.16
C PRO A 224 -3.16 -16.74 -12.28
N ASP A 225 -2.66 -16.69 -13.51
CA ASP A 225 -1.34 -16.13 -13.78
C ASP A 225 -1.33 -14.62 -13.52
N THR A 226 -2.40 -13.95 -13.94
CA THR A 226 -2.56 -12.52 -13.67
C THR A 226 -2.71 -12.29 -12.17
N ALA A 227 -3.49 -13.14 -11.52
CA ALA A 227 -3.77 -13.03 -10.09
C ALA A 227 -2.50 -13.16 -9.24
N SER A 228 -1.65 -14.11 -9.59
CA SER A 228 -0.39 -14.31 -8.87
C SER A 228 0.55 -13.12 -9.07
N LEU A 229 0.46 -12.50 -10.24
CA LEU A 229 1.26 -11.33 -10.58
C LEU A 229 0.88 -10.17 -9.66
N LEU A 230 -0.41 -9.87 -9.63
CA LEU A 230 -0.94 -8.74 -8.87
C LEU A 230 -0.83 -8.95 -7.35
N GLY A 231 -0.99 -10.20 -6.91
CA GLY A 231 -1.00 -10.50 -5.50
C GLY A 231 -2.25 -9.93 -4.84
N ARG A 232 -2.06 -9.20 -3.74
CA ARG A 232 -3.20 -8.69 -2.97
C ARG A 232 -3.98 -7.58 -3.67
N ILE A 233 -3.39 -6.98 -4.69
CA ILE A 233 -4.10 -6.00 -5.51
C ILE A 233 -5.28 -6.69 -6.21
N GLN A 234 -5.03 -7.90 -6.71
CA GLN A 234 -6.07 -8.70 -7.35
C GLN A 234 -7.19 -9.00 -6.37
N LYS A 235 -6.82 -9.39 -5.16
CA LYS A 235 -7.80 -9.64 -4.11
C LYS A 235 -8.59 -8.37 -3.77
N ASP A 236 -7.89 -7.24 -3.67
CA ASP A 236 -8.54 -5.97 -3.33
C ASP A 236 -9.47 -5.46 -4.43
N TRP A 237 -8.99 -5.49 -5.67
CA TRP A 237 -9.80 -5.06 -6.82
C TRP A 237 -11.00 -5.96 -7.04
N LYS A 238 -10.78 -7.27 -6.97
CA LYS A 238 -11.80 -8.26 -7.30
C LYS A 238 -12.98 -8.21 -6.34
N LYS A 239 -12.72 -7.87 -5.07
CA LYS A 239 -13.78 -7.74 -4.07
C LYS A 239 -14.82 -6.72 -4.52
N LEU A 240 -14.33 -5.54 -4.89
CA LEU A 240 -15.19 -4.44 -5.31
C LEU A 240 -15.85 -4.71 -6.66
N VAL A 241 -15.06 -5.16 -7.63
CA VAL A 241 -15.56 -5.40 -8.98
C VAL A 241 -16.65 -6.47 -9.02
N GLN A 242 -16.39 -7.59 -8.34
CA GLN A 242 -17.36 -8.69 -8.31
C GLN A 242 -18.64 -8.27 -7.60
N MET A 243 -18.50 -7.51 -6.53
CA MET A 243 -19.65 -6.97 -5.81
C MET A 243 -20.45 -6.07 -6.73
N LYS A 244 -19.75 -5.21 -7.46
CA LYS A 244 -20.38 -4.26 -8.37
C LYS A 244 -21.14 -4.94 -9.51
N ILE A 245 -20.64 -6.09 -9.95
CA ILE A 245 -21.28 -6.85 -11.02
C ILE A 245 -22.73 -7.23 -10.66
N TYR A 246 -22.93 -7.70 -9.44
CA TYR A 246 -24.27 -8.07 -8.98
C TYR A 246 -25.07 -6.83 -8.56
N TYR A 247 -24.38 -5.81 -8.07
CA TYR A 247 -25.04 -4.57 -7.69
C TYR A 247 -25.69 -3.89 -8.89
N PHE A 248 -24.92 -3.73 -9.96
CA PHE A 248 -25.41 -3.03 -11.14
C PHE A 248 -26.31 -3.91 -12.00
N ALA A 249 -26.24 -5.21 -11.78
CA ALA A 249 -27.21 -6.13 -12.38
C ALA A 249 -28.55 -5.90 -11.69
N ALA A 250 -28.51 -5.73 -10.38
CA ALA A 250 -29.70 -5.43 -9.59
C ALA A 250 -30.32 -4.09 -10.02
N VAL A 251 -29.47 -3.08 -10.19
CA VAL A 251 -29.92 -1.76 -10.62
C VAL A 251 -30.56 -1.82 -12.01
N ALA A 252 -29.98 -2.62 -12.90
CA ALA A 252 -30.51 -2.80 -14.24
C ALA A 252 -31.93 -3.36 -14.19
N HIS A 253 -32.10 -4.46 -13.46
CA HIS A 253 -33.39 -5.11 -13.36
C HIS A 253 -34.42 -4.32 -12.54
N LEU A 254 -33.94 -3.48 -11.62
CA LEU A 254 -34.82 -2.55 -10.92
C LEU A 254 -35.51 -1.63 -11.91
N HIS A 255 -34.76 -1.16 -12.89
CA HIS A 255 -35.29 -0.21 -13.87
C HIS A 255 -36.04 -0.89 -15.01
N MET A 256 -35.72 -2.15 -15.29
CA MET A 256 -36.54 -2.93 -16.20
C MET A 256 -37.89 -3.19 -15.55
N GLY A 257 -37.88 -3.33 -14.23
CA GLY A 257 -39.10 -3.45 -13.46
C GLY A 257 -39.91 -2.18 -13.52
N LYS A 258 -39.22 -1.03 -13.46
CA LYS A 258 -39.88 0.26 -13.55
C LYS A 258 -40.51 0.46 -14.92
N GLN A 259 -39.84 0.01 -15.97
CA GLN A 259 -40.39 0.08 -17.32
C GLN A 259 -41.67 -0.75 -17.40
N ALA A 260 -41.64 -1.92 -16.76
CA ALA A 260 -42.82 -2.78 -16.70
C ALA A 260 -43.98 -2.07 -16.01
N GLU A 261 -43.67 -1.33 -14.94
CA GLU A 261 -44.68 -0.57 -14.21
C GLU A 261 -45.29 0.51 -15.11
N GLU A 262 -44.44 1.16 -15.90
CA GLU A 262 -44.87 2.20 -16.82
C GLU A 262 -45.76 1.61 -17.92
N GLN A 263 -45.42 0.40 -18.36
CA GLN A 263 -46.17 -0.27 -19.42
C GLN A 263 -47.36 -1.06 -18.87
N GLN A 264 -47.60 -0.90 -17.57
CA GLN A 264 -48.69 -1.60 -16.88
C GLN A 264 -48.62 -3.12 -17.06
N LYS A 265 -47.40 -3.65 -17.10
CA LYS A 265 -47.19 -5.10 -17.15
C LYS A 265 -46.77 -5.57 -15.76
N PHE A 266 -47.76 -5.82 -14.91
CA PHE A 266 -47.52 -6.02 -13.48
C PHE A 266 -46.95 -7.39 -13.11
N GLY A 267 -47.15 -8.40 -13.96
CA GLY A 267 -46.50 -9.68 -13.75
C GLY A 267 -45.00 -9.56 -14.00
N GLU A 268 -44.66 -8.93 -15.10
CA GLU A 268 -43.27 -8.70 -15.51
C GLU A 268 -42.55 -7.87 -14.46
N ARG A 269 -43.27 -6.87 -13.94
CA ARG A 269 -42.78 -5.95 -12.92
C ARG A 269 -42.31 -6.68 -11.66
N VAL A 270 -43.09 -7.66 -11.22
CA VAL A 270 -42.73 -8.48 -10.06
C VAL A 270 -41.50 -9.35 -10.35
N ALA A 271 -41.47 -9.90 -11.55
CA ALA A 271 -40.36 -10.75 -11.98
C ALA A 271 -39.03 -10.01 -11.95
N TYR A 272 -39.02 -8.79 -12.48
CA TYR A 272 -37.80 -7.98 -12.51
C TYR A 272 -37.38 -7.50 -11.12
N PHE A 273 -38.36 -7.09 -10.31
CA PHE A 273 -38.07 -6.64 -8.95
C PHE A 273 -37.51 -7.75 -8.08
N GLN A 274 -38.05 -8.96 -8.27
CA GLN A 274 -37.58 -10.13 -7.54
C GLN A 274 -36.15 -10.46 -7.93
N SER A 275 -35.87 -10.40 -9.23
CA SER A 275 -34.53 -10.64 -9.75
C SER A 275 -33.53 -9.64 -9.19
N ALA A 276 -33.92 -8.37 -9.16
CA ALA A 276 -33.09 -7.32 -8.61
C ALA A 276 -32.77 -7.56 -7.13
N LEU A 277 -33.78 -8.00 -6.38
CA LEU A 277 -33.63 -8.27 -4.95
C LEU A 277 -32.69 -9.44 -4.69
N ASP A 278 -32.82 -10.48 -5.51
CA ASP A 278 -31.94 -11.64 -5.44
C ASP A 278 -30.49 -11.27 -5.75
N LYS A 279 -30.31 -10.47 -6.80
CA LYS A 279 -28.99 -10.02 -7.21
C LYS A 279 -28.35 -9.11 -6.18
N LEU A 280 -29.15 -8.20 -5.61
CA LEU A 280 -28.64 -7.29 -4.59
C LEU A 280 -28.17 -8.03 -3.35
N ASN A 281 -28.97 -9.01 -2.91
CA ASN A 281 -28.60 -9.85 -1.77
C ASN A 281 -27.27 -10.57 -2.01
N GLU A 282 -27.05 -10.98 -3.26
CA GLU A 282 -25.80 -11.64 -3.63
C GLU A 282 -24.63 -10.65 -3.56
N ALA A 283 -24.90 -9.40 -3.92
CA ALA A 283 -23.89 -8.35 -3.82
C ALA A 283 -23.57 -8.06 -2.35
N ILE A 284 -24.60 -8.02 -1.51
CA ILE A 284 -24.45 -7.79 -0.08
C ILE A 284 -23.58 -8.87 0.59
N LYS A 285 -23.82 -10.11 0.21
CA LYS A 285 -23.04 -11.24 0.67
C LYS A 285 -21.57 -11.06 0.28
N LEU A 286 -21.36 -10.65 -0.97
CA LEU A 286 -20.03 -10.43 -1.52
C LEU A 286 -19.35 -9.21 -0.92
N ALA A 287 -20.14 -8.29 -0.37
CA ALA A 287 -19.60 -7.04 0.15
C ALA A 287 -19.20 -7.11 1.62
N LYS A 288 -19.26 -8.31 2.19
CA LYS A 288 -18.90 -8.53 3.58
C LYS A 288 -17.46 -8.10 3.87
N GLY A 289 -17.30 -7.19 4.84
CA GLY A 289 -15.98 -6.73 5.23
C GLY A 289 -15.57 -5.44 4.55
N GLN A 290 -16.28 -5.06 3.49
CA GLN A 290 -15.94 -3.87 2.71
C GLN A 290 -16.38 -2.58 3.44
N PRO A 291 -15.76 -1.43 3.10
CA PRO A 291 -15.99 -0.17 3.82
C PRO A 291 -17.46 0.25 3.94
N ASP A 292 -17.75 1.14 4.90
CA ASP A 292 -19.10 1.62 5.14
C ASP A 292 -19.72 2.28 3.91
N THR A 293 -18.87 2.90 3.09
CA THR A 293 -19.30 3.51 1.83
C THR A 293 -20.04 2.50 0.96
N VAL A 294 -19.45 1.32 0.79
CA VAL A 294 -20.08 0.25 0.04
C VAL A 294 -21.37 -0.22 0.74
N GLN A 295 -21.28 -0.39 2.06
CA GLN A 295 -22.42 -0.85 2.85
C GLN A 295 -23.58 0.15 2.80
N ASP A 296 -23.27 1.44 2.86
CA ASP A 296 -24.28 2.47 2.83
C ASP A 296 -25.05 2.51 1.49
N ALA A 297 -24.33 2.29 0.39
CA ALA A 297 -24.94 2.25 -0.92
C ALA A 297 -25.88 1.04 -1.07
N LEU A 298 -25.43 -0.11 -0.57
CA LEU A 298 -26.20 -1.34 -0.63
C LEU A 298 -27.44 -1.29 0.27
N ARG A 299 -27.27 -0.70 1.45
CA ARG A 299 -28.37 -0.49 2.40
C ARG A 299 -29.48 0.31 1.74
N PHE A 300 -29.09 1.43 1.17
CA PHE A 300 -30.02 2.35 0.51
C PHE A 300 -30.80 1.63 -0.59
N THR A 301 -30.08 0.86 -1.40
CA THR A 301 -30.68 0.16 -2.53
C THR A 301 -31.58 -0.99 -2.05
N MET A 302 -31.23 -1.59 -0.91
CA MET A 302 -32.06 -2.63 -0.31
C MET A 302 -33.42 -2.09 0.09
N ASP A 303 -33.43 -0.86 0.62
CA ASP A 303 -34.67 -0.19 0.98
C ASP A 303 -35.56 0.04 -0.24
N VAL A 304 -34.98 0.58 -1.32
CA VAL A 304 -35.72 0.86 -2.55
C VAL A 304 -36.30 -0.41 -3.17
N ILE A 305 -35.42 -1.34 -3.52
CA ILE A 305 -35.80 -2.59 -4.16
C ILE A 305 -36.72 -3.44 -3.27
N GLY A 306 -36.46 -3.44 -1.96
CA GLY A 306 -37.27 -4.19 -1.02
C GLY A 306 -38.69 -3.67 -0.93
N GLY A 307 -38.83 -2.35 -0.84
CA GLY A 307 -40.14 -1.72 -0.81
C GLY A 307 -40.92 -1.91 -2.09
N LYS A 308 -40.25 -1.70 -3.22
CA LYS A 308 -40.88 -1.83 -4.53
C LYS A 308 -41.27 -3.26 -4.86
N TYR A 309 -40.46 -4.23 -4.45
CA TYR A 309 -40.84 -5.63 -4.61
C TYR A 309 -42.12 -5.94 -3.86
N ASN A 310 -42.15 -5.56 -2.58
CA ASN A 310 -43.31 -5.82 -1.73
C ASN A 310 -44.60 -5.24 -2.29
N SER A 311 -44.57 -3.97 -2.68
CA SER A 311 -45.73 -3.31 -3.26
C SER A 311 -46.17 -3.97 -4.57
N ALA A 312 -45.21 -4.26 -5.43
CA ALA A 312 -45.49 -4.89 -6.72
C ALA A 312 -46.14 -6.26 -6.57
N LYS A 313 -45.57 -7.10 -5.70
CA LYS A 313 -46.12 -8.43 -5.44
C LYS A 313 -47.48 -8.34 -4.74
N LYS A 314 -47.63 -7.32 -3.89
CA LYS A 314 -48.88 -7.08 -3.19
C LYS A 314 -50.00 -6.74 -4.16
N ASP A 315 -49.73 -5.78 -5.05
CA ASP A 315 -50.71 -5.36 -6.05
C ASP A 315 -51.07 -6.50 -7.00
N ASN A 316 -50.09 -7.30 -7.38
CA ASN A 316 -50.35 -8.42 -8.28
C ASN A 316 -51.12 -9.56 -7.61
N ASP A 317 -50.83 -9.82 -6.34
CA ASP A 317 -51.50 -10.91 -5.62
C ASP A 317 -52.93 -10.56 -5.24
N PHE A 318 -53.20 -9.28 -5.01
CA PHE A 318 -54.55 -8.84 -4.62
C PHE A 318 -55.38 -8.36 -5.81
N ILE A 319 -54.77 -7.63 -6.73
CA ILE A 319 -55.52 -6.95 -7.79
C ILE A 319 -55.36 -7.56 -9.18
N TYR A 320 -54.16 -7.47 -9.74
CA TYR A 320 -53.95 -7.77 -11.16
C TYR A 320 -53.89 -9.27 -11.50
N HIS A 321 -53.44 -10.09 -10.56
CA HIS A 321 -53.43 -11.55 -10.71
C HIS A 321 -52.74 -12.00 -12.01
N GLU A 322 -51.64 -11.36 -12.36
CA GLU A 322 -50.95 -11.67 -13.59
C GLU A 322 -49.85 -12.71 -13.38
N ALA A 323 -49.67 -13.58 -14.37
CA ALA A 323 -48.62 -14.59 -14.31
C ALA A 323 -47.26 -13.91 -14.21
N VAL A 324 -46.41 -14.40 -13.30
CA VAL A 324 -45.05 -13.88 -13.17
C VAL A 324 -44.12 -14.69 -14.07
N PRO A 325 -43.70 -14.10 -15.20
CA PRO A 325 -42.93 -14.83 -16.22
C PRO A 325 -41.52 -15.15 -15.76
N ALA A 326 -40.95 -16.24 -16.29
CA ALA A 326 -39.55 -16.54 -16.08
C ALA A 326 -38.74 -15.54 -16.90
N LEU A 327 -37.61 -15.09 -16.35
CA LEU A 327 -36.78 -14.08 -17.01
C LEU A 327 -36.31 -14.50 -18.40
N ASP A 328 -36.12 -15.81 -18.59
CA ASP A 328 -35.56 -16.34 -19.83
C ASP A 328 -36.54 -16.22 -21.00
N THR A 329 -37.78 -15.89 -20.70
CA THR A 329 -38.81 -15.70 -21.72
C THR A 329 -38.90 -14.24 -22.16
N LEU A 330 -38.22 -13.37 -21.42
CA LEU A 330 -38.25 -11.94 -21.71
C LEU A 330 -37.04 -11.49 -22.54
N GLN A 331 -37.21 -10.40 -23.28
CA GLN A 331 -36.13 -9.83 -24.09
C GLN A 331 -35.04 -9.25 -23.17
N PRO A 332 -33.82 -9.80 -23.25
CA PRO A 332 -32.74 -9.40 -22.36
C PRO A 332 -32.25 -7.98 -22.63
N VAL A 333 -31.77 -7.30 -21.60
CA VAL A 333 -31.29 -5.93 -21.75
C VAL A 333 -29.97 -5.90 -22.51
N LYS A 334 -29.90 -5.07 -23.54
CA LYS A 334 -28.64 -4.90 -24.28
C LYS A 334 -27.89 -3.72 -23.69
N GLY A 335 -26.64 -3.95 -23.30
CA GLY A 335 -25.81 -2.90 -22.76
C GLY A 335 -25.61 -1.78 -23.77
N ALA A 336 -25.58 -0.55 -23.27
CA ALA A 336 -25.33 0.60 -24.12
C ALA A 336 -23.97 1.21 -23.85
N PRO A 337 -23.00 0.96 -24.74
CA PRO A 337 -21.63 1.46 -24.56
C PRO A 337 -21.60 2.97 -24.80
N LEU A 338 -21.30 3.74 -23.76
CA LEU A 338 -21.29 5.20 -23.90
C LEU A 338 -19.91 5.77 -23.60
N VAL A 339 -18.94 4.88 -23.39
CA VAL A 339 -17.58 5.30 -23.06
C VAL A 339 -16.57 4.62 -23.99
N LYS A 340 -15.37 5.20 -24.04
CA LYS A 340 -14.32 4.69 -24.91
C LYS A 340 -12.97 5.23 -24.44
N PRO A 341 -11.88 4.53 -24.81
CA PRO A 341 -10.54 5.07 -24.56
C PRO A 341 -10.35 6.32 -25.41
N LEU A 342 -10.34 7.49 -24.77
CA LEU A 342 -10.21 8.74 -25.51
C LEU A 342 -8.81 8.88 -26.11
N PRO A 343 -8.76 9.20 -27.43
CA PRO A 343 -7.52 9.29 -28.21
C PRO A 343 -6.41 10.12 -27.56
N VAL A 344 -5.22 9.53 -27.52
CA VAL A 344 -4.01 10.22 -27.11
C VAL A 344 -3.18 10.52 -28.36
N ASN A 345 -2.67 11.74 -28.46
CA ASN A 345 -1.72 12.11 -29.51
C ASN A 345 -0.49 12.75 -28.90
N PRO A 346 0.59 11.96 -28.78
CA PRO A 346 1.83 12.36 -28.10
C PRO A 346 2.42 13.66 -28.65
N THR A 347 2.24 13.88 -29.95
CA THR A 347 2.84 15.03 -30.61
C THR A 347 1.85 16.16 -30.88
N ASP A 348 0.78 16.21 -30.09
CA ASP A 348 -0.19 17.30 -30.18
C ASP A 348 0.48 18.60 -29.77
N PRO A 349 0.61 19.54 -30.72
CA PRO A 349 1.27 20.82 -30.44
C PRO A 349 0.59 21.59 -29.32
N ALA A 350 -0.70 21.35 -29.13
CA ALA A 350 -1.46 22.01 -28.08
C ALA A 350 -0.97 21.63 -26.68
N VAL A 351 -0.46 20.40 -26.54
CA VAL A 351 0.00 19.92 -25.24
C VAL A 351 1.53 19.92 -25.08
N THR A 352 2.25 19.77 -26.18
CA THR A 352 3.72 19.69 -26.14
C THR A 352 4.39 21.04 -26.19
N GLY A 353 3.85 21.95 -26.98
CA GLY A 353 4.50 23.21 -27.25
C GLY A 353 5.61 22.99 -28.26
N PRO A 354 6.39 24.04 -28.56
CA PRO A 354 7.46 23.97 -29.56
C PRO A 354 8.48 22.86 -29.31
N ASP A 355 8.97 22.24 -30.38
CA ASP A 355 10.07 21.28 -30.28
C ASP A 355 11.24 21.96 -29.60
N ILE A 356 11.60 21.46 -28.42
CA ILE A 356 12.72 22.00 -27.64
C ILE A 356 14.02 21.99 -28.42
N PHE A 357 14.18 21.01 -29.30
CA PHE A 357 15.41 20.85 -30.05
C PHE A 357 15.34 21.47 -31.46
N ALA A 358 14.44 22.43 -31.64
CA ALA A 358 14.32 23.15 -32.89
C ALA A 358 15.63 23.90 -33.19
N LYS A 359 16.15 23.71 -34.40
CA LYS A 359 17.48 24.18 -34.76
C LYS A 359 17.49 24.79 -36.16
N LEU A 360 17.41 26.12 -36.23
CA LEU A 360 17.35 26.82 -37.51
C LEU A 360 18.66 26.75 -38.30
N VAL A 361 19.79 26.83 -37.59
CA VAL A 361 21.11 26.76 -38.21
C VAL A 361 22.14 26.17 -37.25
N MET B 1 28.63 14.54 13.39
CA MET B 1 27.67 13.45 13.26
C MET B 1 26.49 13.62 14.22
N GLU B 2 26.54 14.66 15.04
CA GLU B 2 25.53 14.86 16.08
C GLU B 2 24.16 15.22 15.51
N ALA B 3 24.13 16.03 14.46
CA ALA B 3 22.87 16.44 13.85
C ALA B 3 22.65 15.72 12.53
N VAL B 4 23.11 14.47 12.45
CA VAL B 4 22.93 13.66 11.26
C VAL B 4 21.45 13.51 10.91
N PRO B 5 21.10 13.78 9.64
CA PRO B 5 19.74 13.52 9.17
C PRO B 5 19.33 12.08 9.44
N ARG B 6 18.06 11.89 9.79
CA ARG B 6 17.59 10.59 10.24
C ARG B 6 17.21 9.68 9.07
N MET B 7 17.56 8.40 9.18
CA MET B 7 17.12 7.40 8.22
C MET B 7 15.64 7.12 8.44
N PRO B 8 14.93 6.72 7.37
CA PRO B 8 13.53 6.32 7.55
C PRO B 8 13.45 4.97 8.25
N MET B 9 12.34 4.71 8.94
CA MET B 9 12.15 3.45 9.64
C MET B 9 11.06 2.62 9.00
N ILE B 10 11.16 1.31 9.10
CA ILE B 10 10.15 0.40 8.57
C ILE B 10 9.05 0.18 9.61
N TRP B 11 7.80 0.22 9.18
CA TRP B 11 6.68 -0.12 10.05
C TRP B 11 5.74 -1.11 9.37
N LEU B 12 4.96 -1.83 10.16
CA LEU B 12 4.08 -2.86 9.62
C LEU B 12 2.61 -2.43 9.65
N ASP B 13 1.86 -2.83 8.62
CA ASP B 13 0.44 -2.54 8.58
C ASP B 13 -0.32 -3.49 9.49
N LEU B 14 -1.45 -3.02 10.03
CA LEU B 14 -2.29 -3.86 10.89
C LEU B 14 -3.15 -4.78 10.04
N LYS B 15 -3.38 -6.00 10.51
CA LYS B 15 -4.21 -6.94 9.77
C LYS B 15 -5.68 -6.53 9.81
N GLU B 16 -6.43 -6.94 8.80
CA GLU B 16 -7.87 -6.68 8.75
C GLU B 16 -8.65 -7.86 9.29
N ALA B 17 -9.65 -7.57 10.12
CA ALA B 17 -10.42 -8.61 10.78
C ALA B 17 -11.66 -9.03 9.99
N GLY B 18 -12.01 -10.30 10.10
CA GLY B 18 -13.27 -10.80 9.59
C GLY B 18 -14.19 -11.02 10.76
N ASP B 19 -14.97 -12.10 10.74
CA ASP B 19 -15.93 -12.35 11.80
C ASP B 19 -15.40 -13.23 12.93
N PHE B 20 -15.90 -12.97 14.13
CA PHE B 20 -15.75 -13.86 15.27
C PHE B 20 -17.00 -13.80 16.12
N HIS B 21 -17.98 -14.63 15.78
CA HIS B 21 -19.27 -14.65 16.46
C HIS B 21 -19.18 -15.50 17.74
N PHE B 22 -18.85 -14.86 18.85
CA PHE B 22 -18.66 -15.55 20.11
C PHE B 22 -19.92 -15.61 20.97
N GLN B 23 -20.79 -14.60 20.82
CA GLN B 23 -22.06 -14.57 21.54
C GLN B 23 -22.95 -15.81 21.32
N PRO B 24 -23.20 -16.19 20.05
CA PRO B 24 -24.02 -17.39 19.82
C PRO B 24 -23.42 -18.64 20.47
N ALA B 25 -22.09 -18.72 20.48
CA ALA B 25 -21.38 -19.84 21.10
C ALA B 25 -21.55 -19.87 22.63
N VAL B 26 -21.27 -18.75 23.27
CA VAL B 26 -21.36 -18.64 24.73
C VAL B 26 -22.79 -18.87 25.22
N LYS B 27 -23.75 -18.22 24.59
CA LYS B 27 -25.16 -18.38 24.96
C LYS B 27 -25.64 -19.81 24.77
N LYS B 28 -25.19 -20.46 23.69
CA LYS B 28 -25.49 -21.85 23.44
C LYS B 28 -24.88 -22.74 24.52
N PHE B 29 -23.63 -22.41 24.87
CA PHE B 29 -22.92 -23.12 25.94
C PHE B 29 -23.68 -23.05 27.24
N VAL B 30 -24.16 -21.85 27.58
CA VAL B 30 -24.99 -21.63 28.75
C VAL B 30 -26.27 -22.48 28.67
N LEU B 31 -26.87 -22.49 27.49
CA LEU B 31 -28.13 -23.21 27.26
C LEU B 31 -27.99 -24.73 27.30
N LYS B 32 -26.89 -25.24 26.77
CA LYS B 32 -26.66 -26.69 26.73
C LYS B 32 -26.49 -27.27 28.14
N ALA B 33 -26.08 -26.42 29.07
CA ALA B 33 -25.90 -26.84 30.46
C ALA B 33 -27.08 -26.41 31.32
N ALA B 34 -28.25 -26.24 30.69
CA ALA B 34 -29.47 -25.83 31.38
C ALA B 34 -29.26 -24.58 32.22
N GLY B 35 -28.51 -23.63 31.67
CA GLY B 35 -28.13 -22.41 32.38
C GLY B 35 -29.29 -21.70 33.06
N GLU B 36 -29.07 -21.32 34.31
CA GLU B 36 -30.08 -20.65 35.12
C GLU B 36 -30.11 -19.15 34.83
N ASN B 37 -31.26 -18.66 34.34
CA ASN B 37 -31.40 -17.27 33.92
C ASN B 37 -30.29 -16.91 32.93
N PRO B 38 -30.41 -17.40 31.69
CA PRO B 38 -29.30 -17.45 30.74
C PRO B 38 -28.87 -16.07 30.24
N GLU B 39 -29.85 -15.22 29.94
CA GLU B 39 -29.60 -13.92 29.30
C GLU B 39 -29.11 -12.85 30.28
N ALA B 40 -28.71 -13.27 31.48
CA ALA B 40 -28.11 -12.36 32.44
C ALA B 40 -26.70 -11.99 32.01
N TYR B 41 -26.13 -12.83 31.16
CA TYR B 41 -24.76 -12.66 30.71
C TYR B 41 -24.66 -11.87 29.40
N ASN B 42 -25.81 -11.47 28.86
CA ASN B 42 -25.85 -10.73 27.61
C ASN B 42 -25.11 -9.38 27.68
N GLU B 43 -25.07 -8.80 28.87
CA GLU B 43 -24.43 -7.51 29.06
C GLU B 43 -22.90 -7.61 29.03
N GLU B 44 -22.35 -8.66 29.63
CA GLU B 44 -20.91 -8.86 29.65
C GLU B 44 -20.38 -9.33 28.29
N LEU B 45 -21.23 -10.02 27.53
CA LEU B 45 -20.88 -10.39 26.17
C LEU B 45 -21.01 -9.18 25.24
N LYS B 46 -21.95 -8.29 25.58
CA LYS B 46 -22.14 -7.05 24.83
C LYS B 46 -20.96 -6.12 25.02
N LYS B 47 -20.41 -6.09 26.23
CA LYS B 47 -19.21 -5.32 26.52
C LYS B 47 -18.02 -5.84 25.72
N LEU B 48 -17.94 -7.15 25.57
CA LEU B 48 -16.83 -7.78 24.85
C LEU B 48 -16.89 -7.49 23.36
N GLU B 49 -18.09 -7.61 22.78
CA GLU B 49 -18.29 -7.31 21.37
C GLU B 49 -17.90 -5.87 21.06
N LEU B 50 -18.25 -4.96 21.97
CA LEU B 50 -17.91 -3.55 21.81
C LEU B 50 -16.40 -3.35 21.93
N LEU B 51 -15.78 -4.12 22.81
CA LEU B 51 -14.33 -4.09 22.97
C LEU B 51 -13.64 -4.55 21.68
N ARG B 52 -14.25 -5.52 21.01
CA ARG B 52 -13.73 -6.02 19.73
C ARG B 52 -13.89 -4.98 18.64
N GLN B 53 -15.09 -4.39 18.55
CA GLN B 53 -15.39 -3.39 17.54
C GLN B 53 -14.43 -2.20 17.61
N ASN B 54 -14.14 -1.74 18.82
CA ASN B 54 -13.15 -0.69 19.02
C ASN B 54 -11.77 -1.13 18.54
N ALA B 55 -11.38 -2.35 18.91
CA ALA B 55 -10.05 -2.86 18.59
C ALA B 55 -9.83 -3.11 17.10
N VAL B 56 -10.82 -3.68 16.43
CA VAL B 56 -10.68 -4.00 15.00
C VAL B 56 -10.72 -2.74 14.13
N ARG B 57 -11.23 -1.65 14.69
CA ARG B 57 -11.24 -0.36 14.03
C ARG B 57 -10.44 0.65 14.84
N VAL B 58 -9.36 0.18 15.45
CA VAL B 58 -8.54 1.01 16.34
C VAL B 58 -7.94 2.22 15.62
N PRO B 59 -8.13 3.42 16.19
CA PRO B 59 -7.49 4.62 15.64
C PRO B 59 -5.98 4.49 15.68
N ARG B 60 -5.30 4.88 14.61
CA ARG B 60 -3.85 4.72 14.51
C ARG B 60 -3.09 5.74 15.35
N ASP B 61 -3.24 5.64 16.68
CA ASP B 61 -2.51 6.51 17.60
C ASP B 61 -2.07 5.78 18.88
N PHE B 62 -1.39 6.49 19.78
CA PHE B 62 -0.93 5.91 21.04
C PHE B 62 -2.07 5.41 21.92
N GLU B 63 -3.20 6.12 21.87
CA GLU B 63 -4.37 5.73 22.66
C GLU B 63 -4.89 4.36 22.26
N GLY B 64 -4.53 3.92 21.06
CA GLY B 64 -5.02 2.67 20.52
C GLY B 64 -4.32 1.43 21.02
N CYS B 65 -3.12 1.59 21.59
CA CYS B 65 -2.37 0.46 22.12
C CYS B 65 -3.09 -0.17 23.30
N SER B 66 -3.66 0.66 24.15
CA SER B 66 -4.41 0.18 25.30
C SER B 66 -5.73 -0.47 24.89
N VAL B 67 -6.34 0.07 23.83
CA VAL B 67 -7.58 -0.49 23.28
C VAL B 67 -7.35 -1.94 22.84
N LEU B 68 -6.24 -2.18 22.16
CA LEU B 68 -5.85 -3.52 21.77
C LEU B 68 -5.52 -4.39 22.98
N ARG B 69 -4.85 -3.77 23.96
CA ARG B 69 -4.45 -4.47 25.19
C ARG B 69 -5.65 -4.83 26.05
N LYS B 70 -6.60 -3.91 26.20
CA LYS B 70 -7.84 -4.17 26.93
C LYS B 70 -8.52 -5.42 26.39
N TYR B 71 -8.76 -5.39 25.08
CA TYR B 71 -9.50 -6.43 24.39
C TYR B 71 -8.81 -7.78 24.43
N LEU B 72 -7.50 -7.79 24.24
CA LEU B 72 -6.70 -9.01 24.27
C LEU B 72 -6.79 -9.69 25.63
N GLY B 73 -6.82 -8.88 26.69
CA GLY B 73 -6.90 -9.40 28.04
C GLY B 73 -8.24 -10.05 28.34
N GLN B 74 -9.32 -9.36 27.99
CA GLN B 74 -10.68 -9.87 28.21
C GLN B 74 -10.92 -11.12 27.39
N LEU B 75 -10.24 -11.21 26.25
CA LEU B 75 -10.26 -12.41 25.42
C LEU B 75 -9.74 -13.61 26.20
N HIS B 76 -8.63 -13.42 26.92
CA HIS B 76 -8.06 -14.48 27.74
C HIS B 76 -9.00 -14.88 28.88
N TYR B 77 -9.67 -13.90 29.45
CA TYR B 77 -10.63 -14.14 30.52
C TYR B 77 -11.79 -15.02 30.03
N LEU B 78 -12.22 -14.78 28.79
CA LEU B 78 -13.27 -15.58 28.17
C LEU B 78 -12.77 -16.98 27.84
N GLN B 79 -11.54 -17.06 27.34
CA GLN B 79 -10.90 -18.31 26.96
C GLN B 79 -10.79 -19.29 28.12
N SER B 80 -10.56 -18.76 29.32
CA SER B 80 -10.36 -19.59 30.51
C SER B 80 -11.66 -20.16 31.07
N ARG B 81 -12.78 -19.61 30.62
CA ARG B 81 -14.09 -20.07 31.08
C ARG B 81 -14.77 -20.93 30.02
N VAL B 82 -14.99 -20.36 28.84
CA VAL B 82 -15.66 -21.06 27.75
C VAL B 82 -14.62 -21.70 26.83
N PRO B 83 -14.79 -23.01 26.54
CA PRO B 83 -13.86 -23.73 25.67
C PRO B 83 -14.09 -23.45 24.19
N MET B 84 -13.34 -22.49 23.64
CA MET B 84 -13.48 -22.14 22.23
C MET B 84 -12.15 -22.29 21.50
N GLY B 85 -11.31 -23.20 21.99
CA GLY B 85 -10.02 -23.45 21.36
C GLY B 85 -10.09 -24.47 20.25
N SER B 86 -8.94 -24.97 19.82
CA SER B 86 -8.86 -25.92 18.71
C SER B 86 -9.47 -27.28 19.08
N GLY B 87 -10.70 -27.50 18.64
CA GLY B 87 -11.38 -28.77 18.85
C GLY B 87 -12.39 -28.78 19.98
N GLN B 88 -12.59 -27.62 20.59
CA GLN B 88 -13.44 -27.53 21.77
C GLN B 88 -14.90 -27.21 21.43
N GLU B 89 -15.82 -27.53 22.35
CA GLU B 89 -17.25 -27.59 22.03
C GLU B 89 -17.91 -26.26 21.63
N ALA B 90 -17.42 -25.15 22.17
CA ALA B 90 -18.03 -23.86 21.89
C ALA B 90 -17.23 -23.06 20.86
N ALA B 91 -16.26 -23.70 20.24
CA ALA B 91 -15.44 -23.04 19.23
C ALA B 91 -16.25 -22.66 17.99
N VAL B 92 -15.99 -21.47 17.46
CA VAL B 92 -16.61 -20.98 16.23
C VAL B 92 -15.47 -20.46 15.33
N PRO B 93 -15.73 -20.32 14.02
CA PRO B 93 -14.64 -19.87 13.14
C PRO B 93 -14.17 -18.45 13.45
N VAL B 94 -12.86 -18.23 13.34
CA VAL B 94 -12.27 -16.91 13.46
C VAL B 94 -11.64 -16.56 12.12
N THR B 95 -11.98 -15.40 11.58
CA THR B 95 -11.51 -15.04 10.24
C THR B 95 -10.71 -13.74 10.25
N TRP B 96 -9.51 -13.79 9.66
CA TRP B 96 -8.67 -12.62 9.49
C TRP B 96 -8.01 -12.67 8.12
N THR B 97 -7.68 -11.51 7.57
CA THR B 97 -7.04 -11.44 6.26
C THR B 97 -5.52 -11.47 6.39
N GLU B 98 -4.89 -12.46 5.76
CA GLU B 98 -3.44 -12.51 5.70
C GLU B 98 -2.94 -11.27 4.96
N ILE B 99 -2.11 -10.48 5.63
CA ILE B 99 -1.80 -9.13 5.20
C ILE B 99 -1.00 -9.02 3.88
N PHE B 100 -0.25 -10.06 3.55
CA PHE B 100 0.61 -10.02 2.38
C PHE B 100 -0.10 -10.48 1.09
N SER B 101 -0.86 -11.56 1.19
CA SER B 101 -1.61 -12.09 0.06
C SER B 101 -2.98 -11.43 -0.08
N GLY B 102 -3.52 -10.94 1.03
CA GLY B 102 -4.86 -10.38 1.02
C GLY B 102 -5.89 -11.50 1.04
N LYS B 103 -5.43 -12.70 1.33
CA LYS B 103 -6.31 -13.87 1.36
C LYS B 103 -6.96 -14.02 2.73
N SER B 104 -8.24 -14.38 2.73
CA SER B 104 -8.98 -14.60 3.96
C SER B 104 -8.61 -15.96 4.54
N VAL B 105 -8.29 -15.98 5.85
CA VAL B 105 -7.88 -17.22 6.51
C VAL B 105 -8.76 -17.47 7.73
N ALA B 106 -9.29 -18.68 7.85
CA ALA B 106 -10.19 -19.03 8.95
C ALA B 106 -9.68 -20.17 9.82
N HIS B 107 -9.86 -20.02 11.12
CA HIS B 107 -9.60 -21.09 12.08
C HIS B 107 -10.70 -21.06 13.14
N GLU B 108 -11.15 -22.24 13.58
CA GLU B 108 -12.11 -22.30 14.67
C GLU B 108 -11.35 -22.38 15.99
N ASP B 109 -10.74 -21.26 16.37
CA ASP B 109 -9.80 -21.23 17.48
C ASP B 109 -9.68 -19.80 18.00
N ILE B 110 -10.09 -19.57 19.25
CA ILE B 110 -10.03 -18.26 19.87
C ILE B 110 -8.60 -17.72 19.95
N LYS B 111 -7.63 -18.64 19.94
CA LYS B 111 -6.22 -18.27 19.93
C LYS B 111 -5.82 -17.51 18.67
N TYR B 112 -6.40 -17.91 17.54
CA TYR B 112 -6.20 -17.22 16.27
C TYR B 112 -6.58 -15.75 16.39
N GLU B 113 -7.69 -15.49 17.08
CA GLU B 113 -8.15 -14.14 17.33
C GLU B 113 -7.18 -13.37 18.22
N GLN B 114 -6.72 -14.02 19.28
CA GLN B 114 -5.76 -13.42 20.20
C GLN B 114 -4.47 -13.11 19.45
N ALA B 115 -4.06 -14.02 18.59
CA ALA B 115 -2.82 -13.89 17.85
C ALA B 115 -2.80 -12.64 16.95
N CYS B 116 -3.88 -12.46 16.20
CA CYS B 116 -4.01 -11.32 15.30
C CYS B 116 -4.05 -9.99 16.05
N ILE B 117 -4.72 -9.96 17.19
CA ILE B 117 -4.76 -8.78 18.05
C ILE B 117 -3.34 -8.47 18.55
N LEU B 118 -2.63 -9.52 18.94
CA LEU B 118 -1.25 -9.39 19.41
C LEU B 118 -0.36 -8.88 18.28
N TYR B 119 -0.58 -9.39 17.08
CA TYR B 119 0.15 -8.97 15.90
C TYR B 119 -0.08 -7.47 15.66
N ASN B 120 -1.34 -7.07 15.68
CA ASN B 120 -1.69 -5.67 15.46
C ASN B 120 -1.13 -4.73 16.53
N LEU B 121 -0.94 -5.25 17.74
CA LEU B 121 -0.32 -4.48 18.81
C LEU B 121 1.12 -4.14 18.40
N GLY B 122 1.83 -5.13 17.89
CA GLY B 122 3.19 -4.92 17.43
C GLY B 122 3.27 -4.01 16.23
N ALA B 123 2.35 -4.21 15.28
CA ALA B 123 2.30 -3.38 14.09
C ALA B 123 2.03 -1.92 14.45
N LEU B 124 1.07 -1.69 15.35
CA LEU B 124 0.75 -0.33 15.79
C LEU B 124 1.93 0.34 16.46
N HIS B 125 2.64 -0.41 17.30
CA HIS B 125 3.83 0.10 17.98
C HIS B 125 4.91 0.49 16.97
N SER B 126 5.09 -0.33 15.94
CA SER B 126 6.08 -0.05 14.90
C SER B 126 5.72 1.23 14.15
N MET B 127 4.44 1.41 13.89
CA MET B 127 3.93 2.62 13.22
C MET B 127 4.18 3.86 14.07
N LEU B 128 3.93 3.76 15.36
CA LEU B 128 4.11 4.88 16.28
C LEU B 128 5.57 5.31 16.41
N GLY B 129 6.46 4.32 16.53
CA GLY B 129 7.88 4.59 16.64
C GLY B 129 8.46 5.22 15.38
N ALA B 130 8.00 4.74 14.23
CA ALA B 130 8.55 5.18 12.94
C ALA B 130 8.00 6.52 12.46
N MET B 131 6.94 7.00 13.09
CA MET B 131 6.29 8.26 12.67
C MET B 131 6.95 9.53 13.21
N ASP B 132 7.83 9.38 14.20
CA ASP B 132 8.48 10.53 14.83
C ASP B 132 9.73 10.95 14.06
N LYS B 133 10.10 12.23 14.21
CA LYS B 133 11.27 12.79 13.55
C LYS B 133 12.55 12.32 14.24
N ARG B 134 12.41 11.87 15.48
CA ARG B 134 13.55 11.47 16.31
C ARG B 134 14.58 12.59 16.42
N VAL B 135 14.11 13.83 16.43
CA VAL B 135 14.96 15.01 16.56
C VAL B 135 15.10 15.40 18.02
N SER B 136 13.99 15.35 18.76
CA SER B 136 14.02 15.64 20.19
C SER B 136 14.41 14.39 20.96
N GLU B 137 15.13 14.57 22.06
CA GLU B 137 15.61 13.46 22.87
C GLU B 137 14.43 12.65 23.43
N GLU B 138 13.31 13.32 23.63
CA GLU B 138 12.10 12.66 24.08
C GLU B 138 11.60 11.74 22.96
N GLY B 139 11.44 12.31 21.76
CA GLY B 139 11.03 11.55 20.60
C GLY B 139 11.94 10.37 20.30
N MET B 140 13.24 10.54 20.56
CA MET B 140 14.21 9.47 20.37
C MET B 140 13.95 8.33 21.35
N LYS B 141 13.75 8.67 22.62
CA LYS B 141 13.46 7.68 23.65
C LYS B 141 12.10 7.02 23.43
N VAL B 142 11.10 7.83 23.07
CA VAL B 142 9.75 7.31 22.82
C VAL B 142 9.72 6.38 21.60
N SER B 143 10.40 6.77 20.52
CA SER B 143 10.47 5.95 19.32
C SER B 143 11.19 4.64 19.60
N CYS B 144 12.31 4.75 20.32
CA CYS B 144 13.10 3.58 20.71
C CYS B 144 12.25 2.61 21.53
N THR B 145 11.46 3.16 22.44
CA THR B 145 10.58 2.37 23.30
C THR B 145 9.51 1.62 22.49
N HIS B 146 8.92 2.32 21.52
CA HIS B 146 7.88 1.73 20.69
C HIS B 146 8.39 0.54 19.89
N PHE B 147 9.60 0.67 19.34
CA PHE B 147 10.22 -0.40 18.58
C PHE B 147 10.49 -1.61 19.46
N GLN B 148 10.89 -1.37 20.71
CA GLN B 148 11.10 -2.44 21.67
C GLN B 148 9.77 -3.05 22.11
N CYS B 149 8.74 -2.21 22.21
CA CYS B 149 7.39 -2.68 22.51
C CYS B 149 6.87 -3.54 21.37
N ALA B 150 7.15 -3.11 20.14
CA ALA B 150 6.75 -3.85 18.95
C ALA B 150 7.42 -5.22 18.92
N ALA B 151 8.72 -5.23 19.18
CA ALA B 151 9.48 -6.47 19.24
C ALA B 151 8.92 -7.39 20.33
N GLY B 152 8.42 -6.80 21.41
CA GLY B 152 7.80 -7.55 22.48
C GLY B 152 6.55 -8.29 22.07
N ALA B 153 5.68 -7.60 21.34
CA ALA B 153 4.42 -8.19 20.89
C ALA B 153 4.68 -9.37 19.95
N PHE B 154 5.56 -9.15 18.98
CA PHE B 154 5.93 -10.19 18.02
C PHE B 154 6.62 -11.38 18.69
N ALA B 155 7.46 -11.10 19.69
CA ALA B 155 8.17 -12.16 20.40
C ALA B 155 7.23 -13.06 21.20
N TYR B 156 6.34 -12.44 21.98
CA TYR B 156 5.33 -13.17 22.74
C TYR B 156 4.46 -13.99 21.80
N LEU B 157 4.11 -13.37 20.66
CA LEU B 157 3.30 -14.03 19.65
C LEU B 157 4.01 -15.25 19.10
N ARG B 158 5.31 -15.10 18.86
CA ARG B 158 6.13 -16.19 18.34
C ARG B 158 6.24 -17.36 19.33
N GLU B 159 6.41 -17.02 20.60
CA GLU B 159 6.62 -18.03 21.63
C GLU B 159 5.35 -18.78 22.02
N HIS B 160 4.26 -18.04 22.22
CA HIS B 160 3.06 -18.62 22.81
C HIS B 160 1.97 -18.99 21.79
N PHE B 161 2.23 -18.73 20.52
CA PHE B 161 1.31 -19.14 19.46
C PHE B 161 2.08 -19.80 18.30
N PRO B 162 2.61 -21.02 18.56
CA PRO B 162 3.52 -21.69 17.62
C PRO B 162 2.82 -22.26 16.38
N GLN B 163 1.50 -22.42 16.45
CA GLN B 163 0.71 -23.04 15.37
C GLN B 163 0.93 -22.39 14.00
N ALA B 164 1.28 -21.11 14.00
CA ALA B 164 1.46 -20.33 12.77
C ALA B 164 0.19 -20.37 11.92
N TYR B 165 -0.81 -19.62 12.35
CA TYR B 165 -2.14 -19.66 11.74
C TYR B 165 -2.14 -19.14 10.31
N SER B 166 -1.23 -18.22 10.03
CA SER B 166 -1.05 -17.71 8.67
C SER B 166 0.41 -17.34 8.46
N VAL B 167 0.83 -17.30 7.19
CA VAL B 167 2.22 -17.11 6.81
C VAL B 167 2.82 -15.78 7.31
N ASP B 168 1.96 -14.79 7.51
CA ASP B 168 2.40 -13.50 8.05
C ASP B 168 2.74 -13.60 9.53
N MET B 169 2.31 -14.68 10.17
CA MET B 169 2.57 -14.89 11.60
C MET B 169 3.36 -16.17 11.85
N SER B 170 4.07 -16.64 10.83
CA SER B 170 4.94 -17.81 10.98
C SER B 170 6.16 -17.48 11.83
N ARG B 171 6.83 -18.51 12.34
CA ARG B 171 7.97 -18.33 13.24
C ARG B 171 9.13 -17.55 12.62
N GLN B 172 9.45 -17.88 11.38
CA GLN B 172 10.56 -17.23 10.69
C GLN B 172 10.24 -15.77 10.36
N ILE B 173 8.97 -15.51 10.02
CA ILE B 173 8.53 -14.15 9.70
C ILE B 173 8.53 -13.27 10.94
N LEU B 174 8.02 -13.82 12.05
CA LEU B 174 8.01 -13.10 13.31
C LEU B 174 9.43 -12.85 13.82
N THR B 175 10.33 -13.79 13.53
CA THR B 175 11.74 -13.64 13.89
C THR B 175 12.36 -12.49 13.08
N LEU B 176 11.97 -12.39 11.81
CA LEU B 176 12.36 -11.26 10.98
C LEU B 176 11.87 -9.96 11.59
N ASN B 177 10.61 -9.95 12.01
CA ASN B 177 9.99 -8.77 12.59
C ASN B 177 10.68 -8.30 13.88
N VAL B 178 10.98 -9.26 14.76
CA VAL B 178 11.67 -8.96 16.02
C VAL B 178 13.03 -8.29 15.78
N ASN B 179 13.87 -8.94 14.97
CA ASN B 179 15.19 -8.41 14.65
C ASN B 179 15.13 -7.04 13.98
N LEU B 180 14.12 -6.83 13.14
CA LEU B 180 13.94 -5.55 12.47
C LEU B 180 13.61 -4.48 13.50
N MET B 181 12.67 -4.78 14.38
CA MET B 181 12.27 -3.84 15.44
C MET B 181 13.41 -3.51 16.40
N LEU B 182 14.16 -4.53 16.80
CA LEU B 182 15.30 -4.35 17.70
C LEU B 182 16.39 -3.49 17.05
N GLY B 183 16.68 -3.79 15.79
CA GLY B 183 17.66 -3.03 15.04
C GLY B 183 17.25 -1.58 14.90
N GLN B 184 15.95 -1.34 14.71
CA GLN B 184 15.45 0.01 14.61
C GLN B 184 15.47 0.71 15.97
N ALA B 185 15.22 -0.06 17.03
CA ALA B 185 15.30 0.46 18.38
C ALA B 185 16.74 0.82 18.74
N GLN B 186 17.67 -0.06 18.39
CA GLN B 186 19.10 0.17 18.63
C GLN B 186 19.60 1.34 17.81
N GLU B 187 19.05 1.51 16.61
CA GLU B 187 19.39 2.64 15.77
C GLU B 187 18.99 3.95 16.43
N CYS B 188 17.86 3.93 17.15
CA CYS B 188 17.40 5.10 17.89
C CYS B 188 18.38 5.45 19.01
N LEU B 189 18.97 4.43 19.62
CA LEU B 189 19.95 4.62 20.67
C LEU B 189 21.22 5.23 20.11
N LEU B 190 21.60 4.78 18.93
CA LEU B 190 22.80 5.27 18.26
C LEU B 190 22.67 6.75 17.96
N GLU B 191 21.49 7.17 17.51
CA GLU B 191 21.22 8.57 17.23
C GLU B 191 21.32 9.40 18.51
N LYS B 192 20.79 8.87 19.60
CA LYS B 192 20.82 9.54 20.90
C LYS B 192 22.25 9.65 21.42
N SER B 193 23.04 8.60 21.22
CA SER B 193 24.42 8.57 21.71
C SER B 193 25.29 9.62 21.02
N MET B 194 24.97 9.93 19.77
CA MET B 194 25.73 10.91 19.00
C MET B 194 25.28 12.33 19.28
N LEU B 195 24.00 12.51 19.59
CA LEU B 195 23.50 13.82 19.98
C LEU B 195 23.93 14.13 21.41
N ASP B 196 24.20 13.08 22.18
CA ASP B 196 24.62 13.24 23.57
C ASP B 196 26.14 13.22 23.75
N ASN B 197 26.87 13.22 22.64
CA ASN B 197 28.32 13.30 22.65
C ASN B 197 28.98 12.23 23.52
N ARG B 198 28.53 10.99 23.37
CA ARG B 198 29.03 9.88 24.18
C ARG B 198 30.41 9.42 23.72
N LYS B 199 31.03 8.55 24.51
CA LYS B 199 32.38 8.07 24.18
C LYS B 199 32.44 7.33 22.87
N SER B 200 33.41 7.69 22.02
CA SER B 200 33.57 7.14 20.68
C SER B 200 33.53 5.61 20.62
N PHE B 201 34.17 4.97 21.59
CA PHE B 201 34.20 3.50 21.62
C PHE B 201 32.81 2.91 21.88
N LEU B 202 32.00 3.61 22.67
CA LEU B 202 30.65 3.17 22.95
C LEU B 202 29.75 3.34 21.74
N VAL B 203 29.82 4.52 21.11
CA VAL B 203 29.08 4.81 19.89
C VAL B 203 29.36 3.74 18.83
N ALA B 204 30.61 3.31 18.76
CA ALA B 204 31.03 2.29 17.82
C ALA B 204 30.41 0.93 18.16
N ARG B 205 30.40 0.58 19.43
CA ARG B 205 29.80 -0.67 19.89
C ARG B 205 28.30 -0.70 19.63
N ILE B 206 27.66 0.43 19.84
CA ILE B 206 26.21 0.56 19.62
C ILE B 206 25.86 0.41 18.13
N SER B 207 26.66 1.03 17.28
CA SER B 207 26.44 0.97 15.84
C SER B 207 26.71 -0.43 15.29
N ALA B 208 27.75 -1.07 15.82
CA ALA B 208 28.05 -2.45 15.46
C ALA B 208 26.89 -3.39 15.80
N GLN B 209 26.17 -3.06 16.87
CA GLN B 209 25.00 -3.84 17.28
C GLN B 209 23.85 -3.62 16.29
N VAL B 210 23.69 -2.38 15.83
CA VAL B 210 22.69 -2.05 14.81
C VAL B 210 22.90 -2.94 13.59
N VAL B 211 24.16 -3.02 13.16
CA VAL B 211 24.55 -3.87 12.03
C VAL B 211 24.19 -5.32 12.28
N ASP B 212 24.47 -5.80 13.50
CA ASP B 212 24.21 -7.20 13.86
C ASP B 212 22.74 -7.59 13.73
N TYR B 213 21.85 -6.71 14.18
CA TYR B 213 20.42 -6.97 14.08
C TYR B 213 19.95 -6.95 12.63
N TYR B 214 20.42 -5.98 11.86
CA TYR B 214 20.03 -5.82 10.47
C TYR B 214 20.58 -6.94 9.58
N LYS B 215 21.73 -7.48 9.96
CA LYS B 215 22.31 -8.61 9.24
C LYS B 215 21.39 -9.83 9.30
N GLU B 216 20.81 -10.08 10.48
CA GLU B 216 19.96 -11.24 10.67
C GLU B 216 18.54 -11.02 10.12
N ALA B 217 18.18 -9.76 9.91
CA ALA B 217 16.93 -9.43 9.25
C ALA B 217 17.11 -9.56 7.75
N CYS B 218 18.24 -9.09 7.25
CA CYS B 218 18.57 -9.19 5.84
C CYS B 218 18.73 -10.65 5.42
N ARG B 219 19.17 -11.49 6.35
CA ARG B 219 19.37 -12.91 6.09
C ARG B 219 18.04 -13.62 5.82
N ALA B 220 17.03 -13.28 6.59
CA ALA B 220 15.70 -13.85 6.40
C ALA B 220 15.06 -13.31 5.13
N LEU B 221 15.34 -12.04 4.83
CA LEU B 221 14.81 -11.40 3.62
C LEU B 221 15.40 -12.02 2.36
N GLU B 222 16.68 -12.37 2.41
CA GLU B 222 17.35 -12.97 1.27
C GLU B 222 16.94 -14.43 1.04
N ASN B 223 16.10 -14.94 1.95
CA ASN B 223 15.52 -16.28 1.79
C ASN B 223 14.35 -16.24 0.82
N PRO B 224 14.42 -17.08 -0.23
CA PRO B 224 13.44 -17.15 -1.32
C PRO B 224 12.00 -17.39 -0.84
N ASP B 225 11.85 -18.16 0.24
CA ASP B 225 10.52 -18.50 0.77
C ASP B 225 9.74 -17.29 1.31
N THR B 226 10.45 -16.30 1.85
CA THR B 226 9.83 -15.08 2.36
C THR B 226 9.75 -14.00 1.29
N ALA B 227 10.66 -14.04 0.33
CA ALA B 227 10.60 -13.16 -0.83
C ALA B 227 9.37 -13.53 -1.65
N SER B 228 9.06 -14.82 -1.69
CA SER B 228 7.83 -15.31 -2.28
C SER B 228 6.64 -14.89 -1.42
N LEU B 229 6.83 -14.90 -0.11
CA LEU B 229 5.77 -14.52 0.82
C LEU B 229 5.46 -13.02 0.71
N LEU B 230 6.41 -12.20 1.13
CA LEU B 230 6.21 -10.76 1.22
C LEU B 230 5.89 -10.10 -0.12
N GLY B 231 6.32 -10.71 -1.22
CA GLY B 231 6.20 -10.08 -2.51
C GLY B 231 7.12 -8.88 -2.58
N ARG B 232 6.58 -7.71 -2.92
CA ARG B 232 7.41 -6.53 -3.09
C ARG B 232 7.81 -5.85 -1.76
N ILE B 233 7.22 -6.29 -0.66
CA ILE B 233 7.62 -5.79 0.66
C ILE B 233 9.05 -6.24 0.97
N GLN B 234 9.38 -7.48 0.60
CA GLN B 234 10.74 -8.00 0.75
C GLN B 234 11.74 -7.15 -0.01
N LYS B 235 11.41 -6.81 -1.26
CA LYS B 235 12.29 -6.01 -2.10
C LYS B 235 12.44 -4.58 -1.55
N ASP B 236 11.37 -4.07 -0.94
CA ASP B 236 11.41 -2.74 -0.36
C ASP B 236 12.18 -2.71 0.97
N TRP B 237 11.91 -3.69 1.83
CA TRP B 237 12.60 -3.81 3.11
C TRP B 237 14.08 -4.12 2.94
N LYS B 238 14.40 -5.10 2.11
CA LYS B 238 15.78 -5.51 1.87
C LYS B 238 16.61 -4.35 1.34
N LYS B 239 16.01 -3.53 0.49
CA LYS B 239 16.71 -2.38 -0.06
C LYS B 239 17.18 -1.41 1.03
N LEU B 240 16.31 -1.14 2.00
CA LEU B 240 16.66 -0.25 3.10
C LEU B 240 17.63 -0.90 4.10
N VAL B 241 17.32 -2.14 4.49
CA VAL B 241 18.10 -2.86 5.49
C VAL B 241 19.54 -3.13 5.03
N GLN B 242 19.66 -3.68 3.82
CA GLN B 242 20.96 -3.97 3.22
C GLN B 242 21.82 -2.72 3.17
N MET B 243 21.21 -1.59 2.83
CA MET B 243 21.92 -0.32 2.76
C MET B 243 22.37 0.12 4.14
N LYS B 244 21.46 0.00 5.11
CA LYS B 244 21.75 0.39 6.49
C LYS B 244 22.91 -0.39 7.10
N ILE B 245 23.05 -1.65 6.68
CA ILE B 245 24.12 -2.51 7.18
C ILE B 245 25.51 -1.91 6.93
N TYR B 246 25.74 -1.44 5.71
CA TYR B 246 27.01 -0.81 5.37
C TYR B 246 27.12 0.60 5.92
N TYR B 247 25.98 1.29 6.03
CA TYR B 247 25.95 2.62 6.60
C TYR B 247 26.42 2.63 8.05
N PHE B 248 25.86 1.72 8.85
CA PHE B 248 26.16 1.69 10.27
C PHE B 248 27.46 0.97 10.59
N ALA B 249 27.92 0.13 9.66
CA ALA B 249 29.25 -0.45 9.78
C ALA B 249 30.27 0.66 9.57
N ALA B 250 29.98 1.55 8.63
CA ALA B 250 30.80 2.71 8.37
C ALA B 250 30.82 3.66 9.58
N VAL B 251 29.66 3.87 10.18
CA VAL B 251 29.53 4.71 11.37
C VAL B 251 30.31 4.10 12.54
N ALA B 252 30.28 2.77 12.63
CA ALA B 252 31.04 2.05 13.64
C ALA B 252 32.53 2.33 13.50
N HIS B 253 33.05 2.13 12.29
CA HIS B 253 34.47 2.32 12.00
C HIS B 253 34.88 3.79 12.03
N LEU B 254 33.95 4.69 11.71
CA LEU B 254 34.19 6.12 11.86
C LEU B 254 34.57 6.42 13.31
N HIS B 255 33.81 5.87 14.24
CA HIS B 255 34.02 6.13 15.66
C HIS B 255 35.17 5.33 16.26
N MET B 256 35.47 4.17 15.67
CA MET B 256 36.69 3.44 16.05
C MET B 256 37.88 4.28 15.65
N GLY B 257 37.78 4.95 14.50
CA GLY B 257 38.80 5.85 14.04
C GLY B 257 38.96 7.03 14.97
N LYS B 258 37.85 7.53 15.49
CA LYS B 258 37.89 8.66 16.43
C LYS B 258 38.51 8.27 17.77
N GLN B 259 38.42 6.99 18.11
CA GLN B 259 39.07 6.48 19.31
C GLN B 259 40.58 6.47 19.12
N ALA B 260 41.04 5.93 17.99
CA ALA B 260 42.45 5.90 17.66
C ALA B 260 43.04 7.31 17.67
N GLU B 261 42.24 8.27 17.23
CA GLU B 261 42.60 9.68 17.29
C GLU B 261 42.82 10.10 18.74
N GLU B 262 41.78 9.95 19.56
CA GLU B 262 41.83 10.27 20.98
C GLU B 262 43.00 9.59 21.69
N GLN B 263 43.35 8.39 21.23
CA GLN B 263 44.43 7.63 21.84
C GLN B 263 45.78 7.95 21.17
N GLN B 264 45.76 8.92 20.25
CA GLN B 264 46.95 9.32 19.52
C GLN B 264 47.68 8.14 18.86
N LYS B 265 46.89 7.24 18.29
CA LYS B 265 47.39 6.18 17.42
C LYS B 265 46.95 6.56 16.01
N PHE B 266 47.88 7.10 15.22
CA PHE B 266 47.52 7.76 13.97
C PHE B 266 47.63 6.90 12.71
N GLY B 267 48.19 5.70 12.84
CA GLY B 267 48.17 4.75 11.74
C GLY B 267 46.87 3.97 11.75
N GLU B 268 46.40 3.65 12.94
CA GLU B 268 45.14 2.95 13.13
C GLU B 268 43.98 3.85 12.67
N ARG B 269 44.08 5.12 13.06
CA ARG B 269 43.13 6.16 12.68
C ARG B 269 42.85 6.19 11.18
N VAL B 270 43.91 6.11 10.38
CA VAL B 270 43.78 6.04 8.92
C VAL B 270 43.01 4.81 8.46
N ALA B 271 43.42 3.64 8.96
CA ALA B 271 42.85 2.38 8.54
C ALA B 271 41.36 2.25 8.84
N TYR B 272 40.94 2.81 9.97
CA TYR B 272 39.51 2.79 10.34
C TYR B 272 38.70 3.75 9.49
N PHE B 273 39.22 4.96 9.29
CA PHE B 273 38.57 5.95 8.44
C PHE B 273 38.46 5.44 7.01
N GLN B 274 39.50 4.75 6.55
CA GLN B 274 39.52 4.19 5.21
C GLN B 274 38.48 3.08 5.06
N SER B 275 38.31 2.28 6.12
CA SER B 275 37.30 1.24 6.14
C SER B 275 35.91 1.87 6.12
N ALA B 276 35.75 2.92 6.93
CA ALA B 276 34.50 3.67 6.98
C ALA B 276 34.10 4.20 5.60
N LEU B 277 35.08 4.73 4.87
CA LEU B 277 34.84 5.28 3.54
C LEU B 277 34.39 4.21 2.55
N ASP B 278 35.12 3.10 2.52
CA ASP B 278 34.79 1.98 1.66
C ASP B 278 33.37 1.47 1.92
N LYS B 279 33.02 1.34 3.20
CA LYS B 279 31.71 0.83 3.59
C LYS B 279 30.59 1.80 3.26
N LEU B 280 30.86 3.09 3.44
CA LEU B 280 29.87 4.12 3.13
C LEU B 280 29.63 4.20 1.62
N ASN B 281 30.70 4.11 0.84
CA ASN B 281 30.59 4.08 -0.61
C ASN B 281 29.69 2.95 -1.09
N GLU B 282 29.79 1.79 -0.43
CA GLU B 282 28.94 0.66 -0.76
C GLU B 282 27.49 0.92 -0.34
N ALA B 283 27.32 1.62 0.78
CA ALA B 283 26.00 2.01 1.23
C ALA B 283 25.36 2.97 0.24
N ILE B 284 26.15 3.92 -0.27
CA ILE B 284 25.70 4.87 -1.28
C ILE B 284 25.30 4.16 -2.58
N LYS B 285 26.10 3.17 -2.98
CA LYS B 285 25.80 2.37 -4.16
C LYS B 285 24.48 1.62 -3.97
N LEU B 286 24.30 1.04 -2.79
CA LEU B 286 23.10 0.25 -2.48
C LEU B 286 21.87 1.13 -2.28
N ALA B 287 22.07 2.44 -2.23
CA ALA B 287 20.98 3.37 -1.93
C ALA B 287 20.45 4.12 -3.15
N LYS B 288 20.86 3.69 -4.34
CA LYS B 288 20.36 4.32 -5.56
C LYS B 288 18.87 4.10 -5.73
N GLY B 289 18.13 5.19 -5.88
CA GLY B 289 16.68 5.12 -6.06
C GLY B 289 15.90 5.33 -4.78
N GLN B 290 16.59 5.25 -3.65
CA GLN B 290 15.95 5.43 -2.35
C GLN B 290 15.57 6.90 -2.13
N PRO B 291 14.60 7.18 -1.24
CA PRO B 291 14.15 8.56 -1.01
C PRO B 291 15.26 9.54 -0.63
N ASP B 292 14.99 10.84 -0.77
CA ASP B 292 15.98 11.87 -0.47
C ASP B 292 16.43 11.86 1.00
N THR B 293 15.54 11.39 1.87
CA THR B 293 15.85 11.24 3.29
C THR B 293 17.09 10.36 3.49
N VAL B 294 17.16 9.27 2.74
CA VAL B 294 18.32 8.37 2.79
C VAL B 294 19.55 9.04 2.20
N GLN B 295 19.39 9.67 1.05
CA GLN B 295 20.49 10.35 0.37
C GLN B 295 21.09 11.47 1.21
N ASP B 296 20.22 12.20 1.91
CA ASP B 296 20.67 13.30 2.77
C ASP B 296 21.51 12.81 3.95
N ALA B 297 21.11 11.69 4.55
CA ALA B 297 21.88 11.09 5.62
C ALA B 297 23.26 10.67 5.11
N LEU B 298 23.28 10.00 3.96
CA LEU B 298 24.52 9.52 3.36
C LEU B 298 25.45 10.65 2.93
N ARG B 299 24.87 11.73 2.39
CA ARG B 299 25.64 12.90 2.00
C ARG B 299 26.28 13.58 3.21
N PHE B 300 25.51 13.68 4.29
CA PHE B 300 26.00 14.25 5.54
C PHE B 300 27.18 13.44 6.07
N THR B 301 26.97 12.14 6.20
CA THR B 301 27.97 11.23 6.76
C THR B 301 29.23 11.16 5.88
N MET B 302 29.05 11.33 4.57
CA MET B 302 30.19 11.34 3.64
C MET B 302 31.10 12.54 3.85
N ASP B 303 30.50 13.71 4.02
CA ASP B 303 31.27 14.93 4.24
C ASP B 303 32.02 14.89 5.57
N VAL B 304 31.53 14.06 6.49
CA VAL B 304 32.19 13.83 7.77
C VAL B 304 33.32 12.83 7.64
N ILE B 305 33.02 11.64 7.09
CA ILE B 305 34.01 10.58 6.93
C ILE B 305 35.07 10.95 5.90
N GLY B 306 34.64 11.46 4.75
CA GLY B 306 35.54 11.89 3.70
C GLY B 306 36.56 12.91 4.16
N GLY B 307 36.11 13.89 4.93
CA GLY B 307 36.99 14.89 5.50
C GLY B 307 37.96 14.30 6.51
N LYS B 308 37.42 13.52 7.45
CA LYS B 308 38.22 12.87 8.49
C LYS B 308 39.34 12.00 7.91
N TYR B 309 39.03 11.25 6.85
CA TYR B 309 40.00 10.37 6.22
C TYR B 309 41.15 11.12 5.56
N ASN B 310 40.81 12.13 4.75
CA ASN B 310 41.83 12.96 4.09
C ASN B 310 42.78 13.61 5.10
N SER B 311 42.20 14.17 6.16
CA SER B 311 43.00 14.77 7.24
C SER B 311 43.88 13.72 7.91
N ALA B 312 43.33 12.54 8.11
CA ALA B 312 44.05 11.45 8.78
C ALA B 312 45.23 10.96 7.97
N LYS B 313 45.03 10.70 6.68
CA LYS B 313 46.10 10.21 5.83
C LYS B 313 47.18 11.26 5.60
N LYS B 314 46.75 12.52 5.45
CA LYS B 314 47.71 13.62 5.28
C LYS B 314 48.61 13.76 6.49
N ASP B 315 48.00 13.82 7.67
CA ASP B 315 48.75 13.92 8.91
C ASP B 315 49.70 12.74 9.10
N ASN B 316 49.25 11.53 8.74
CA ASN B 316 50.12 10.37 8.85
C ASN B 316 51.21 10.34 7.77
N ASP B 317 50.90 10.83 6.57
CA ASP B 317 51.89 10.83 5.49
C ASP B 317 52.95 11.93 5.65
N PHE B 318 52.63 12.97 6.40
CA PHE B 318 53.53 14.12 6.51
C PHE B 318 54.03 14.42 7.93
N ILE B 319 53.27 14.02 8.94
CA ILE B 319 53.64 14.33 10.32
C ILE B 319 54.01 13.09 11.15
N TYR B 320 53.08 12.17 11.31
CA TYR B 320 53.23 11.07 12.25
C TYR B 320 53.97 9.87 11.67
N HIS B 321 53.75 9.59 10.39
CA HIS B 321 54.49 8.55 9.67
C HIS B 321 54.39 7.16 10.30
N GLU B 322 53.26 6.89 10.94
CA GLU B 322 52.99 5.58 11.50
C GLU B 322 52.47 4.66 10.40
N ALA B 323 52.65 3.35 10.58
CA ALA B 323 52.20 2.38 9.59
C ALA B 323 50.68 2.22 9.64
N VAL B 324 50.10 1.82 8.52
CA VAL B 324 48.65 1.61 8.44
C VAL B 324 48.30 0.13 8.55
N PRO B 325 47.69 -0.26 9.69
CA PRO B 325 47.34 -1.65 9.99
C PRO B 325 46.34 -2.25 9.01
N ALA B 326 46.45 -3.55 8.75
CA ALA B 326 45.50 -4.27 7.89
C ALA B 326 44.20 -4.50 8.66
N LEU B 327 43.10 -4.69 7.94
CA LEU B 327 41.78 -4.82 8.59
C LEU B 327 41.64 -6.03 9.52
N ASP B 328 42.10 -7.19 9.07
CA ASP B 328 41.99 -8.41 9.87
C ASP B 328 43.03 -8.48 11.00
N THR B 329 43.90 -7.48 11.06
CA THR B 329 44.90 -7.37 12.12
C THR B 329 44.26 -6.84 13.40
N LEU B 330 43.32 -5.92 13.24
CA LEU B 330 42.67 -5.29 14.39
C LEU B 330 41.72 -6.23 15.14
N GLN B 331 41.23 -5.74 16.28
CA GLN B 331 40.32 -6.50 17.11
C GLN B 331 38.89 -6.07 16.80
N PRO B 332 38.11 -6.98 16.18
CA PRO B 332 36.73 -6.71 15.73
C PRO B 332 35.86 -6.15 16.83
N VAL B 333 35.07 -5.13 16.50
CA VAL B 333 34.18 -4.50 17.47
C VAL B 333 33.13 -5.51 17.94
N LYS B 334 32.82 -5.44 19.22
CA LYS B 334 31.82 -6.31 19.83
C LYS B 334 30.54 -5.52 20.04
N GLY B 335 29.45 -5.98 19.44
CA GLY B 335 28.18 -5.28 19.55
C GLY B 335 27.68 -5.22 20.98
N ALA B 336 27.08 -4.09 21.33
CA ALA B 336 26.47 -3.94 22.65
C ALA B 336 24.95 -3.95 22.54
N PRO B 337 24.33 -5.08 22.90
CA PRO B 337 22.87 -5.22 22.85
C PRO B 337 22.20 -4.38 23.94
N LEU B 338 21.59 -3.26 23.55
CA LEU B 338 20.96 -2.38 24.52
C LEU B 338 19.44 -2.38 24.39
N VAL B 339 18.91 -3.25 23.54
CA VAL B 339 17.47 -3.36 23.33
C VAL B 339 16.98 -4.79 23.49
N LYS B 340 15.69 -4.92 23.81
CA LYS B 340 15.08 -6.22 24.04
C LYS B 340 13.59 -6.16 23.74
N PRO B 341 12.98 -7.31 23.42
CA PRO B 341 11.53 -7.35 23.27
C PRO B 341 10.88 -7.14 24.63
N LEU B 342 10.37 -5.95 24.88
CA LEU B 342 9.75 -5.62 26.17
C LEU B 342 8.65 -6.63 26.50
N PRO B 343 8.72 -7.23 27.71
CA PRO B 343 7.76 -8.25 28.12
C PRO B 343 6.32 -7.74 28.11
N VAL B 344 5.40 -8.62 27.75
CA VAL B 344 3.97 -8.31 27.76
C VAL B 344 3.22 -9.33 28.59
N ASN B 345 2.32 -8.85 29.46
CA ASN B 345 1.41 -9.71 30.19
C ASN B 345 -0.02 -9.38 29.79
N PRO B 346 -0.66 -10.27 29.01
CA PRO B 346 -2.00 -10.04 28.45
C PRO B 346 -3.04 -9.82 29.53
N THR B 347 -2.90 -10.53 30.65
CA THR B 347 -3.84 -10.44 31.76
C THR B 347 -3.29 -9.65 32.94
N ASP B 348 -2.88 -8.41 32.68
CA ASP B 348 -2.47 -7.46 33.72
C ASP B 348 -3.67 -6.59 34.05
N PRO B 349 -4.18 -6.71 35.29
CA PRO B 349 -5.37 -5.95 35.71
C PRO B 349 -5.18 -4.46 35.49
N ALA B 350 -3.92 -4.01 35.51
CA ALA B 350 -3.59 -2.63 35.18
C ALA B 350 -4.05 -2.25 33.77
N VAL B 351 -3.89 -3.18 32.82
CA VAL B 351 -4.26 -2.90 31.43
C VAL B 351 -5.64 -3.42 31.03
N THR B 352 -5.98 -4.64 31.46
CA THR B 352 -7.25 -5.26 31.13
C THR B 352 -8.39 -4.59 31.88
N GLY B 353 -8.11 -4.15 33.10
CA GLY B 353 -9.16 -3.71 33.99
C GLY B 353 -9.85 -4.95 34.53
N PRO B 354 -10.97 -4.76 35.25
CA PRO B 354 -11.72 -5.89 35.81
C PRO B 354 -12.10 -6.96 34.79
N ASP B 355 -11.99 -8.23 35.17
CA ASP B 355 -12.51 -9.33 34.37
C ASP B 355 -14.02 -9.13 34.28
N ILE B 356 -14.51 -8.84 33.08
CA ILE B 356 -15.93 -8.55 32.89
C ILE B 356 -16.81 -9.80 33.01
N PHE B 357 -16.16 -10.97 33.10
CA PHE B 357 -16.87 -12.23 33.26
C PHE B 357 -16.76 -12.75 34.69
N ALA B 358 -16.46 -11.85 35.63
CA ALA B 358 -16.24 -12.24 37.02
C ALA B 358 -17.26 -11.65 37.99
N LYS B 359 -18.00 -10.66 37.53
CA LYS B 359 -19.07 -10.08 38.35
C LYS B 359 -20.17 -11.10 38.58
N LEU B 360 -20.93 -11.38 37.52
CA LEU B 360 -22.08 -12.27 37.60
C LEU B 360 -21.70 -13.75 37.57
N VAL B 361 -22.25 -14.50 38.52
CA VAL B 361 -22.06 -15.95 38.56
C VAL B 361 -22.79 -16.59 37.37
N ASN C 2 -15.79 23.23 -21.59
CA ASN C 2 -14.85 22.14 -21.40
C ASN C 2 -14.88 21.19 -22.60
N VAL C 3 -13.86 21.27 -23.43
CA VAL C 3 -13.80 20.52 -24.69
C VAL C 3 -13.71 19.00 -24.49
N LYS C 4 -12.86 18.58 -23.56
CA LYS C 4 -12.68 17.15 -23.28
C LYS C 4 -13.96 16.51 -22.74
N VAL C 5 -14.54 17.12 -21.72
CA VAL C 5 -15.79 16.65 -21.12
C VAL C 5 -16.91 16.58 -22.16
N LEU C 6 -16.96 17.57 -23.04
CA LEU C 6 -17.93 17.61 -24.12
C LEU C 6 -17.83 16.37 -25.01
N GLU C 7 -16.62 16.05 -25.47
CA GLU C 7 -16.41 14.86 -26.28
C GLU C 7 -16.76 13.59 -25.51
N ALA C 8 -16.33 13.54 -24.25
CA ALA C 8 -16.56 12.37 -23.41
C ALA C 8 -18.03 12.08 -23.19
N LEU C 9 -18.87 13.11 -23.28
CA LEU C 9 -20.30 12.98 -23.00
C LEU C 9 -21.17 12.86 -24.26
N GLU C 10 -20.53 12.82 -25.42
CA GLU C 10 -21.25 12.81 -26.70
C GLU C 10 -22.17 11.60 -26.87
N LEU C 11 -21.64 10.41 -26.67
CA LEU C 11 -22.42 9.18 -26.78
C LEU C 11 -23.62 9.17 -25.85
N TYR C 12 -23.41 9.63 -24.61
CA TYR C 12 -24.49 9.73 -23.63
C TYR C 12 -25.63 10.59 -24.17
N ASN C 13 -25.29 11.79 -24.63
CA ASN C 13 -26.28 12.75 -25.11
C ASN C 13 -27.00 12.29 -26.37
N LYS C 14 -26.28 11.61 -27.25
CA LYS C 14 -26.89 11.04 -28.45
C LYS C 14 -27.93 10.00 -28.06
N LEU C 15 -27.60 9.19 -27.06
CA LEU C 15 -28.50 8.14 -26.60
C LEU C 15 -29.78 8.71 -26.00
N VAL C 16 -29.62 9.67 -25.09
CA VAL C 16 -30.75 10.24 -24.37
C VAL C 16 -31.62 11.17 -25.22
N ASN C 17 -31.04 11.75 -26.26
CA ASN C 17 -31.81 12.59 -27.18
C ASN C 17 -32.38 11.79 -28.36
N GLU C 18 -32.48 10.48 -28.17
CA GLU C 18 -33.02 9.56 -29.18
C GLU C 18 -32.13 9.46 -30.43
N LEU D 1 5.92 10.90 34.47
CA LEU D 1 6.79 9.72 34.45
C LEU D 1 6.26 8.70 33.44
N ASN D 2 7.15 8.24 32.57
CA ASN D 2 6.86 7.16 31.63
C ASN D 2 7.75 5.94 31.95
N VAL D 3 7.17 4.94 32.60
CA VAL D 3 7.92 3.76 33.05
C VAL D 3 8.46 2.88 31.93
N LYS D 4 7.65 2.61 30.91
CA LYS D 4 8.07 1.76 29.81
C LYS D 4 9.31 2.32 29.11
N VAL D 5 9.32 3.65 28.92
CA VAL D 5 10.49 4.34 28.41
C VAL D 5 11.65 4.17 29.37
N LEU D 6 11.36 4.34 30.66
CA LEU D 6 12.36 4.19 31.72
C LEU D 6 13.03 2.82 31.65
N GLU D 7 12.23 1.76 31.53
CA GLU D 7 12.77 0.40 31.39
C GLU D 7 13.53 0.25 30.08
N ALA D 8 12.93 0.73 28.99
CA ALA D 8 13.54 0.64 27.66
C ALA D 8 14.94 1.22 27.61
N LEU D 9 15.13 2.38 28.25
CA LEU D 9 16.43 3.05 28.20
C LEU D 9 17.31 2.76 29.42
N GLU D 10 17.01 1.68 30.14
CA GLU D 10 17.80 1.31 31.30
C GLU D 10 19.21 0.84 30.90
N LEU D 11 19.26 -0.18 30.03
CA LEU D 11 20.54 -0.72 29.56
C LEU D 11 21.46 0.33 28.95
N TYR D 12 20.91 1.13 28.04
CA TYR D 12 21.65 2.21 27.40
C TYR D 12 22.26 3.17 28.43
N ASN D 13 21.42 3.69 29.32
CA ASN D 13 21.85 4.63 30.35
C ASN D 13 22.95 4.05 31.25
N LYS D 14 22.87 2.75 31.53
CA LYS D 14 23.83 2.07 32.39
C LYS D 14 25.21 1.91 31.74
N LEU D 15 25.23 1.37 30.52
CA LEU D 15 26.46 1.18 29.77
C LEU D 15 27.20 2.49 29.56
N VAL D 16 26.42 3.54 29.31
CA VAL D 16 26.94 4.88 29.05
C VAL D 16 27.35 5.61 30.34
N ASN D 17 26.85 5.13 31.48
CA ASN D 17 27.24 5.68 32.78
C ASN D 17 28.22 4.79 33.56
N GLU D 18 28.66 3.70 32.94
CA GLU D 18 29.69 2.82 33.52
C GLU D 18 30.19 1.82 32.48
#